data_8FCZ
#
_entry.id   8FCZ
#
_cell.length_a   119.277
_cell.length_b   119.277
_cell.length_c   227.115
_cell.angle_alpha   90.000
_cell.angle_beta   90.000
_cell.angle_gamma   120.000
#
_symmetry.space_group_name_H-M   'P 31 2 1'
#
loop_
_entity.id
_entity.type
_entity.pdbx_description
1 polymer Rhodopsin
2 polymer 'Nanobody Nb2'
3 branched 2-acetamido-2-deoxy-beta-D-glucopyranose-(1-2)-alpha-D-mannopyranose-(1-3)-[alpha-D-mannopyranose-(1-6)]beta-D-mannopyranose-(1-4)-2-acetamido-2-deoxy-beta-D-glucopyranose-(1-4)-2-acetamido-2-deoxy-beta-D-glucopyranose
4 branched beta-D-mannopyranose-(1-4)-2-acetamido-2-deoxy-beta-D-glucopyranose-(1-4)-2-acetamido-2-deoxy-beta-D-glucopyranose
5 branched alpha-D-mannopyranose-(1-3)-[alpha-D-mannopyranose-(1-6)]beta-D-mannopyranose-(1-4)-2-acetamido-2-deoxy-beta-D-glucopyranose-(1-4)-2-acetamido-2-deoxy-beta-D-glucopyranose
6 branched 2-acetamido-2-deoxy-beta-D-glucopyranose-(1-4)-2-acetamido-2-deoxy-beta-D-glucopyranose
7 non-polymer RETINAL
#
loop_
_entity_poly.entity_id
_entity_poly.type
_entity_poly.pdbx_seq_one_letter_code
_entity_poly.pdbx_strand_id
1 'polypeptide(L)'
;MNGTEGPNFYVPFSNKTGVVRSPFEAPQYYLAEPWQFSMLAAYMFLLIMLGFPINFLTLYVTVQHKKLRTPLNYILLNLA
VADLFMVFGGFTTTLYTSLHGYFVFGPTGCNLEGFFATLGGEIALWSLVVLAIERYVVVCKPMSNFRFGENHAIMGVAFT
WVMALACAAPPLVGWSRYIPEGMQCSCGIDYYTPHEETNNESFVIYMFVVHFIIPLIVIFFCYGQLVFTVKEAAAQQQES
ATTQKAEKEVTRMVIIMVIAFLICWLPYAGVAFYIFTHQGSDFGPIFMTIPAFFAKTSAVYNPVIYIMMNKQFRNCMVTT
LCCGKNPLGDDEASTTVSKTETSQVAPA
;
A,B
2 'polypeptide(L)'
;QVQLVESGGGLVQPGGSLRLSCAASGFTFSKYAMNWVRQPPGKGLEWVSGIRPSGDNPTYADSVEGRFTIIRDNDKKMVY
LQMTSLKTEDTAVYYCTRGYGTMTIEGQGTQVTVSSHHHHHHEPEA
;
C,D
#
loop_
_chem_comp.id
_chem_comp.type
_chem_comp.name
_chem_comp.formula
BMA D-saccharide, beta linking beta-D-mannopyranose 'C6 H12 O6'
MAN D-saccharide, alpha linking alpha-D-mannopyranose 'C6 H12 O6'
NAG D-saccharide, beta linking 2-acetamido-2-deoxy-beta-D-glucopyranose 'C8 H15 N O6'
RET non-polymer RETINAL 'C20 H28 O'
#
# COMPACT_ATOMS: atom_id res chain seq x y z
N MET A 1 16.70 15.21 27.46
CA MET A 1 17.06 15.86 26.17
C MET A 1 15.78 16.27 25.44
N ASN A 2 15.92 17.05 24.36
CA ASN A 2 14.78 17.60 23.63
C ASN A 2 14.36 16.62 22.55
N GLY A 3 15.32 16.25 21.69
CA GLY A 3 15.11 15.26 20.65
C GLY A 3 15.60 13.89 21.08
N THR A 4 15.83 13.01 20.10
CA THR A 4 16.35 11.67 20.36
C THR A 4 17.11 11.17 19.13
N GLU A 5 18.42 11.40 19.13
CA GLU A 5 19.28 11.00 18.03
C GLU A 5 19.54 9.49 18.11
N GLY A 6 19.76 8.87 16.95
CA GLY A 6 20.20 7.49 16.86
C GLY A 6 21.18 7.30 15.71
N PRO A 7 21.70 6.07 15.50
CA PRO A 7 22.63 5.80 14.39
C PRO A 7 22.09 6.22 13.04
N ASN A 8 20.80 5.94 12.79
CA ASN A 8 20.18 6.20 11.49
C ASN A 8 19.30 7.44 11.53
N PHE A 9 18.80 7.79 12.72
CA PHE A 9 17.60 8.62 12.84
C PHE A 9 17.79 9.77 13.83
N TYR A 10 16.78 10.64 13.88
CA TYR A 10 16.64 11.64 14.91
C TYR A 10 15.16 11.94 15.12
N VAL A 11 14.63 11.50 16.27
CA VAL A 11 13.22 11.65 16.59
C VAL A 11 13.04 12.93 17.41
N PRO A 12 12.28 13.93 16.91
CA PRO A 12 12.08 15.19 17.63
C PRO A 12 11.06 15.04 18.77
N PHE A 13 11.45 14.29 19.80
CA PHE A 13 10.59 13.98 20.92
C PHE A 13 11.44 13.34 22.02
N SER A 14 11.35 13.89 23.24
CA SER A 14 12.25 13.51 24.32
C SER A 14 12.04 12.05 24.71
N ASN A 15 13.14 11.38 25.06
CA ASN A 15 13.10 9.99 25.48
C ASN A 15 13.37 9.90 26.98
N LYS A 16 12.74 10.81 27.75
CA LYS A 16 12.79 10.77 29.20
C LYS A 16 11.76 9.74 29.68
N THR A 17 10.60 9.71 29.03
CA THR A 17 9.53 8.78 29.35
C THR A 17 9.93 7.34 29.00
N GLY A 18 10.92 7.19 28.09
CA GLY A 18 11.43 5.88 27.72
C GLY A 18 10.65 5.25 26.57
N VAL A 19 9.77 6.05 25.94
CA VAL A 19 8.80 5.55 24.98
C VAL A 19 9.43 5.52 23.58
N VAL A 20 10.43 6.38 23.34
CA VAL A 20 10.94 6.63 22.01
C VAL A 20 11.58 5.35 21.45
N ARG A 21 11.28 5.06 20.18
CA ARG A 21 11.80 3.91 19.48
C ARG A 21 12.33 4.36 18.12
N SER A 22 13.14 3.51 17.49
CA SER A 22 13.68 3.78 16.17
C SER A 22 12.55 3.77 15.14
N PRO A 23 12.48 4.77 14.22
CA PRO A 23 11.44 4.79 13.19
C PRO A 23 11.70 3.83 12.02
N PHE A 24 12.65 2.91 12.20
CA PHE A 24 12.83 1.79 11.29
C PHE A 24 12.36 0.49 11.94
N GLU A 25 12.31 0.49 13.28
CA GLU A 25 12.09 -0.74 14.04
C GLU A 25 10.62 -0.85 14.45
N ALA A 26 10.02 0.27 14.89
CA ALA A 26 8.66 0.24 15.42
C ALA A 26 7.92 1.51 15.01
N PRO A 27 6.56 1.51 15.11
CA PRO A 27 5.75 2.67 14.71
C PRO A 27 5.91 3.85 15.67
N GLN A 28 5.52 5.04 15.19
CA GLN A 28 5.79 6.29 15.87
C GLN A 28 4.48 6.97 16.23
N TYR A 29 3.56 6.22 16.85
CA TYR A 29 2.22 6.73 17.16
C TYR A 29 2.24 7.53 18.46
N TYR A 30 3.39 7.55 19.16
CA TYR A 30 3.56 8.35 20.35
C TYR A 30 3.93 9.79 19.98
N LEU A 31 4.37 10.00 18.73
CA LEU A 31 4.72 11.32 18.23
C LEU A 31 3.45 12.16 18.08
N ALA A 32 2.45 11.58 17.41
CA ALA A 32 1.17 12.24 17.20
C ALA A 32 0.07 11.18 17.17
N GLU A 33 -1.18 11.63 17.10
CA GLU A 33 -2.34 10.75 17.15
C GLU A 33 -2.29 9.78 15.97
N PRO A 34 -2.80 8.53 16.12
CA PRO A 34 -2.76 7.55 15.04
C PRO A 34 -3.55 7.95 13.78
N TRP A 35 -4.60 8.75 13.96
CA TRP A 35 -5.43 9.20 12.85
C TRP A 35 -4.69 10.25 12.01
N GLN A 36 -3.74 10.97 12.64
CA GLN A 36 -2.94 11.96 11.94
C GLN A 36 -1.99 11.29 10.95
N PHE A 37 -1.64 10.03 11.22
CA PHE A 37 -0.81 9.24 10.31
C PHE A 37 -1.64 8.77 9.11
N SER A 38 -2.93 8.46 9.35
CA SER A 38 -3.85 8.10 8.29
C SER A 38 -4.20 9.33 7.45
N MET A 39 -4.14 10.52 8.08
CA MET A 39 -4.36 11.77 7.39
C MET A 39 -3.26 12.01 6.36
N LEU A 40 -2.03 11.62 6.71
CA LEU A 40 -0.91 11.69 5.78
C LEU A 40 -1.15 10.73 4.62
N ALA A 41 -1.41 9.46 4.96
CA ALA A 41 -1.61 8.41 3.97
C ALA A 41 -2.76 8.77 3.02
N ALA A 42 -3.81 9.39 3.56
CA ALA A 42 -4.95 9.83 2.77
C ALA A 42 -4.52 10.95 1.82
N TYR A 43 -3.89 11.99 2.38
CA TYR A 43 -3.34 13.10 1.61
C TYR A 43 -2.36 12.60 0.56
N MET A 44 -1.52 11.63 0.95
CA MET A 44 -0.42 11.15 0.13
C MET A 44 -0.97 10.30 -1.02
N PHE A 45 -2.14 9.69 -0.81
CA PHE A 45 -2.84 8.94 -1.84
C PHE A 45 -3.22 9.86 -2.99
N LEU A 46 -3.81 11.02 -2.66
CA LEU A 46 -4.31 11.96 -3.65
C LEU A 46 -3.16 12.53 -4.50
N LEU A 47 -1.97 12.65 -3.90
CA LEU A 47 -0.79 13.09 -4.63
C LEU A 47 -0.41 12.06 -5.69
N ILE A 48 -0.45 10.78 -5.30
CA ILE A 48 -0.17 9.67 -6.22
C ILE A 48 -1.32 9.54 -7.21
N MET A 49 -2.55 9.79 -6.73
CA MET A 49 -3.76 9.50 -7.48
C MET A 49 -3.89 10.47 -8.67
N LEU A 50 -3.70 11.77 -8.40
CA LEU A 50 -3.80 12.80 -9.43
C LEU A 50 -2.45 13.06 -10.06
N GLY A 51 -1.39 12.43 -9.53
CA GLY A 51 -0.04 12.63 -10.03
C GLY A 51 0.21 11.85 -11.32
N PHE A 52 -0.07 10.54 -11.28
CA PHE A 52 0.22 9.64 -12.38
C PHE A 52 -0.46 10.10 -13.67
N PRO A 53 -1.80 10.31 -13.70
CA PRO A 53 -2.50 10.61 -14.95
C PRO A 53 -2.05 11.91 -15.62
N ILE A 54 -1.83 12.96 -14.82
CA ILE A 54 -1.47 14.27 -15.32
C ILE A 54 -0.05 14.23 -15.90
N ASN A 55 0.86 13.54 -15.21
CA ASN A 55 2.24 13.44 -15.65
C ASN A 55 2.36 12.49 -16.84
N PHE A 56 1.57 11.40 -16.81
CA PHE A 56 1.62 10.38 -17.86
C PHE A 56 1.03 10.91 -19.16
N LEU A 57 -0.15 11.54 -19.05
CA LEU A 57 -0.85 12.09 -20.21
C LEU A 57 -0.01 13.21 -20.83
N THR A 58 0.61 14.03 -19.99
CA THR A 58 1.43 15.15 -20.45
C THR A 58 2.68 14.63 -21.17
N LEU A 59 3.25 13.53 -20.66
CA LEU A 59 4.36 12.86 -21.31
C LEU A 59 3.90 12.23 -22.63
N TYR A 60 2.70 11.64 -22.61
CA TYR A 60 2.16 10.94 -23.76
C TYR A 60 1.85 11.92 -24.90
N VAL A 61 1.17 13.02 -24.56
CA VAL A 61 0.71 14.00 -25.54
C VAL A 61 1.92 14.67 -26.20
N THR A 62 2.96 14.97 -25.40
CA THR A 62 4.14 15.66 -25.90
C THR A 62 4.89 14.79 -26.89
N VAL A 63 5.01 13.49 -26.58
CA VAL A 63 5.77 12.55 -27.39
C VAL A 63 4.94 12.14 -28.62
N GLN A 64 3.65 11.89 -28.41
CA GLN A 64 2.76 11.46 -29.47
C GLN A 64 2.76 12.49 -30.61
N HIS A 65 2.57 13.77 -30.26
CA HIS A 65 2.54 14.84 -31.23
C HIS A 65 3.96 15.14 -31.72
N LYS A 66 4.15 15.13 -33.05
CA LYS A 66 5.38 15.55 -33.69
C LYS A 66 5.57 17.05 -33.48
N LYS A 67 4.45 17.78 -33.38
CA LYS A 67 4.45 19.19 -33.07
C LYS A 67 4.78 19.34 -31.58
N LEU A 68 4.69 20.58 -31.07
CA LEU A 68 4.94 20.88 -29.67
C LEU A 68 6.36 20.42 -29.29
N ARG A 69 7.36 21.07 -29.89
CA ARG A 69 8.76 20.77 -29.62
C ARG A 69 9.51 22.05 -29.25
N THR A 70 8.77 23.05 -28.73
CA THR A 70 9.37 24.27 -28.24
C THR A 70 10.08 23.96 -26.92
N PRO A 71 11.20 24.63 -26.58
CA PRO A 71 11.92 24.36 -25.33
C PRO A 71 11.03 24.26 -24.08
N LEU A 72 9.96 25.06 -24.06
CA LEU A 72 8.99 25.04 -22.98
C LEU A 72 8.38 23.63 -22.82
N ASN A 73 8.12 22.98 -23.96
CA ASN A 73 7.46 21.68 -23.97
C ASN A 73 8.44 20.58 -23.60
N TYR A 74 9.73 20.78 -23.93
CA TYR A 74 10.78 19.83 -23.60
C TYR A 74 10.98 19.75 -22.10
N ILE A 75 10.98 20.92 -21.44
CA ILE A 75 11.24 21.00 -20.00
C ILE A 75 10.02 20.50 -19.24
N LEU A 76 8.82 20.86 -19.70
CA LEU A 76 7.58 20.47 -19.05
C LEU A 76 7.29 18.99 -19.28
N LEU A 77 7.96 18.38 -20.26
CA LEU A 77 8.03 16.93 -20.38
C LEU A 77 9.07 16.40 -19.40
N ASN A 78 10.22 17.06 -19.34
CA ASN A 78 11.31 16.70 -18.44
C ASN A 78 10.80 16.63 -17.00
N LEU A 79 9.97 17.61 -16.61
CA LEU A 79 9.32 17.60 -15.31
C LEU A 79 8.40 16.40 -15.18
N ALA A 80 7.56 16.18 -16.20
CA ALA A 80 6.58 15.11 -16.19
C ALA A 80 7.26 13.74 -16.01
N VAL A 81 8.48 13.60 -16.55
CA VAL A 81 9.27 12.40 -16.37
C VAL A 81 9.69 12.29 -14.90
N ALA A 82 10.25 13.39 -14.37
CA ALA A 82 10.74 13.42 -13.00
C ALA A 82 9.59 13.26 -12.01
N ASP A 83 8.43 13.84 -12.34
CA ASP A 83 7.26 13.82 -11.47
C ASP A 83 6.71 12.40 -11.37
N LEU A 84 6.91 11.58 -12.41
CA LEU A 84 6.55 10.18 -12.38
C LEU A 84 7.53 9.40 -11.51
N PHE A 85 8.81 9.78 -11.57
CA PHE A 85 9.83 9.19 -10.72
C PHE A 85 9.57 9.54 -9.26
N MET A 86 8.94 10.69 -9.02
CA MET A 86 8.50 11.07 -7.69
C MET A 86 7.38 10.13 -7.23
N VAL A 87 6.36 9.99 -8.09
CA VAL A 87 5.13 9.28 -7.73
C VAL A 87 5.43 7.80 -7.48
N PHE A 88 6.32 7.22 -8.29
CA PHE A 88 6.61 5.79 -8.20
C PHE A 88 7.79 5.54 -7.27
N GLY A 89 8.86 6.32 -7.41
CA GLY A 89 10.07 6.11 -6.64
C GLY A 89 9.92 6.49 -5.18
N GLY A 90 9.33 7.68 -4.93
CA GLY A 90 9.28 8.28 -3.62
C GLY A 90 7.93 8.10 -2.92
N PHE A 91 6.85 8.49 -3.62
CA PHE A 91 5.55 8.67 -3.00
C PHE A 91 4.96 7.31 -2.58
N THR A 92 5.32 6.24 -3.28
CA THR A 92 4.86 4.90 -2.92
C THR A 92 5.38 4.56 -1.53
N THR A 93 6.66 4.83 -1.28
CA THR A 93 7.31 4.48 -0.03
C THR A 93 6.66 5.23 1.14
N THR A 94 6.41 6.53 0.95
CA THR A 94 5.86 7.36 2.01
C THR A 94 4.40 7.00 2.26
N LEU A 95 3.66 6.65 1.20
CA LEU A 95 2.26 6.25 1.35
C LEU A 95 2.18 4.94 2.12
N TYR A 96 3.14 4.03 1.87
CA TYR A 96 3.20 2.76 2.56
C TYR A 96 3.64 2.97 4.00
N THR A 97 4.61 3.88 4.20
CA THR A 97 5.17 4.16 5.51
C THR A 97 4.17 4.94 6.35
N SER A 98 3.43 5.87 5.73
CA SER A 98 2.42 6.66 6.42
C SER A 98 1.38 5.76 7.06
N LEU A 99 1.04 4.65 6.39
CA LEU A 99 0.07 3.69 6.88
C LEU A 99 0.64 2.98 8.10
N HIS A 100 1.82 2.36 7.93
CA HIS A 100 2.42 1.53 8.96
C HIS A 100 2.89 2.37 10.15
N GLY A 101 3.31 3.61 9.86
CA GLY A 101 3.72 4.55 10.90
C GLY A 101 5.24 4.62 11.05
N TYR A 102 5.96 3.82 10.26
CA TYR A 102 7.41 3.81 10.30
C TYR A 102 7.96 3.19 9.01
N PHE A 103 9.22 3.51 8.69
CA PHE A 103 9.89 2.98 7.53
C PHE A 103 10.17 1.49 7.74
N VAL A 104 9.16 0.67 7.45
CA VAL A 104 9.23 -0.76 7.68
C VAL A 104 10.14 -1.40 6.64
N PHE A 105 10.28 -0.76 5.46
CA PHE A 105 11.22 -1.19 4.45
C PHE A 105 12.63 -1.24 5.03
N GLY A 106 13.03 -0.13 5.67
CA GLY A 106 14.33 -0.03 6.30
C GLY A 106 15.06 1.25 5.90
N PRO A 107 16.36 1.39 6.22
CA PRO A 107 17.14 2.58 5.87
C PRO A 107 17.16 2.90 4.38
N THR A 108 17.11 1.86 3.54
CA THR A 108 17.08 2.02 2.10
C THR A 108 15.72 2.54 1.65
N GLY A 109 14.66 2.18 2.39
CA GLY A 109 13.33 2.72 2.15
C GLY A 109 13.29 4.24 2.32
N CYS A 110 14.04 4.75 3.31
CA CYS A 110 14.16 6.17 3.55
C CYS A 110 14.85 6.85 2.37
N ASN A 111 15.90 6.20 1.85
CA ASN A 111 16.69 6.75 0.76
C ASN A 111 15.81 7.00 -0.46
N LEU A 112 14.93 6.04 -0.78
CA LEU A 112 14.01 6.17 -1.90
C LEU A 112 13.16 7.42 -1.74
N GLU A 113 12.57 7.59 -0.54
CA GLU A 113 11.60 8.63 -0.29
C GLU A 113 12.26 10.00 -0.45
N GLY A 114 13.46 10.15 0.14
CA GLY A 114 14.20 11.40 0.09
C GLY A 114 14.77 11.68 -1.31
N PHE A 115 15.32 10.63 -1.94
CA PHE A 115 16.07 10.77 -3.18
C PHE A 115 15.19 11.37 -4.28
N PHE A 116 14.07 10.70 -4.58
CA PHE A 116 13.24 11.06 -5.72
C PHE A 116 12.45 12.34 -5.43
N ALA A 117 12.20 12.61 -4.14
CA ALA A 117 11.55 13.85 -3.73
C ALA A 117 12.55 15.02 -3.82
N THR A 118 13.84 14.72 -3.63
CA THR A 118 14.89 15.72 -3.77
C THR A 118 15.11 16.03 -5.25
N LEU A 119 15.13 14.99 -6.09
CA LEU A 119 15.23 15.15 -7.53
C LEU A 119 14.10 16.04 -8.04
N GLY A 120 12.86 15.65 -7.71
CA GLY A 120 11.66 16.33 -8.18
C GLY A 120 11.73 17.84 -7.99
N GLY A 121 12.22 18.27 -6.82
CA GLY A 121 12.33 19.68 -6.49
C GLY A 121 13.51 20.37 -7.17
N GLU A 122 14.62 19.64 -7.30
CA GLU A 122 15.84 20.18 -7.90
C GLU A 122 15.73 20.20 -9.42
N ILE A 123 15.19 19.13 -10.00
CA ILE A 123 14.96 19.05 -11.44
C ILE A 123 13.96 20.14 -11.83
N ALA A 124 12.98 20.40 -10.96
CA ALA A 124 12.01 21.45 -11.18
C ALA A 124 12.68 22.83 -11.06
N LEU A 125 13.60 22.96 -10.09
CA LEU A 125 14.28 24.22 -9.84
C LEU A 125 15.24 24.53 -11.00
N TRP A 126 16.12 23.58 -11.32
CA TRP A 126 17.10 23.76 -12.38
C TRP A 126 16.43 23.88 -13.74
N SER A 127 15.17 23.42 -13.84
CA SER A 127 14.35 23.65 -15.02
C SER A 127 13.92 25.11 -15.10
N LEU A 128 13.57 25.70 -13.94
CA LEU A 128 13.18 27.10 -13.88
C LEU A 128 14.39 28.01 -14.14
N VAL A 129 15.59 27.49 -13.90
CA VAL A 129 16.83 28.18 -14.26
C VAL A 129 16.93 28.24 -15.78
N VAL A 130 16.64 27.11 -16.45
CA VAL A 130 16.73 27.00 -17.89
C VAL A 130 15.66 27.88 -18.54
N LEU A 131 14.44 27.85 -17.99
CA LEU A 131 13.33 28.64 -18.52
C LEU A 131 13.62 30.14 -18.38
N ALA A 132 14.20 30.53 -17.23
CA ALA A 132 14.54 31.93 -16.99
C ALA A 132 15.55 32.42 -18.02
N ILE A 133 16.53 31.57 -18.35
CA ILE A 133 17.55 31.87 -19.34
C ILE A 133 16.91 31.92 -20.74
N GLU A 134 15.94 31.03 -20.98
CA GLU A 134 15.33 30.88 -22.30
C GLU A 134 14.46 32.11 -22.59
N ARG A 135 13.68 32.56 -21.60
CA ARG A 135 12.80 33.71 -21.76
C ARG A 135 13.63 34.99 -21.87
N TYR A 136 14.82 34.98 -21.27
CA TYR A 136 15.73 36.11 -21.34
C TYR A 136 16.30 36.26 -22.74
N VAL A 137 16.70 35.13 -23.35
CA VAL A 137 17.42 35.13 -24.61
C VAL A 137 16.49 35.58 -25.74
N VAL A 138 15.20 35.26 -25.64
CA VAL A 138 14.25 35.57 -26.69
C VAL A 138 13.87 37.05 -26.64
N VAL A 139 13.64 37.58 -25.43
CA VAL A 139 13.16 38.94 -25.27
C VAL A 139 14.31 39.92 -25.49
N CYS A 140 15.32 39.86 -24.61
CA CYS A 140 16.41 40.83 -24.61
C CYS A 140 17.29 40.66 -25.84
N LYS A 141 17.44 39.41 -26.30
CA LYS A 141 18.18 39.09 -27.51
C LYS A 141 19.63 39.53 -27.35
N PRO A 142 20.42 38.88 -26.47
CA PRO A 142 21.83 39.21 -26.28
C PRO A 142 22.71 38.76 -27.44
N MET A 143 22.37 37.61 -28.02
CA MET A 143 23.01 37.13 -29.24
C MET A 143 22.09 37.46 -30.43
N SER A 144 22.63 38.17 -31.43
CA SER A 144 21.87 38.53 -32.62
C SER A 144 21.69 37.30 -33.50
N ASN A 145 20.74 37.36 -34.45
CA ASN A 145 20.49 36.28 -35.39
C ASN A 145 20.55 34.93 -34.70
N PHE A 146 19.86 34.80 -33.55
CA PHE A 146 19.81 33.55 -32.81
C PHE A 146 18.40 33.35 -32.24
N ARG A 147 17.98 32.08 -32.11
CA ARG A 147 16.68 31.75 -31.55
C ARG A 147 16.54 30.23 -31.39
N ASN A 151 17.41 21.58 -29.85
CA ASN A 151 18.86 21.28 -29.65
C ASN A 151 19.30 21.80 -28.29
N HIS A 152 19.23 23.12 -28.12
CA HIS A 152 19.66 23.77 -26.88
C HIS A 152 18.82 23.26 -25.71
N ALA A 153 17.50 23.14 -25.94
CA ALA A 153 16.55 22.71 -24.92
C ALA A 153 16.87 21.29 -24.45
N ILE A 154 17.30 20.43 -25.38
CA ILE A 154 17.67 19.06 -25.08
C ILE A 154 18.92 19.04 -24.21
N MET A 155 19.85 19.97 -24.45
CA MET A 155 21.05 20.09 -23.64
C MET A 155 20.71 20.77 -22.31
N GLY A 156 19.67 21.60 -22.31
CA GLY A 156 19.17 22.23 -21.09
C GLY A 156 18.44 21.24 -20.18
N VAL A 157 17.90 20.16 -20.78
CA VAL A 157 17.29 19.08 -20.03
C VAL A 157 18.39 18.21 -19.42
N ALA A 158 19.51 18.08 -20.13
CA ALA A 158 20.67 17.36 -19.63
C ALA A 158 21.30 18.12 -18.46
N PHE A 159 21.18 19.45 -18.49
CA PHE A 159 21.70 20.31 -17.43
C PHE A 159 20.98 20.01 -16.11
N THR A 160 19.65 19.87 -16.17
CA THR A 160 18.83 19.69 -14.98
C THR A 160 19.14 18.36 -14.32
N TRP A 161 19.27 17.29 -15.12
CA TRP A 161 19.52 15.96 -14.60
C TRP A 161 20.96 15.83 -14.09
N VAL A 162 21.88 16.66 -14.60
CA VAL A 162 23.26 16.66 -14.14
C VAL A 162 23.34 17.36 -12.79
N MET A 163 22.59 18.47 -12.65
CA MET A 163 22.68 19.32 -11.46
C MET A 163 21.85 18.73 -10.32
N ALA A 164 20.70 18.12 -10.65
CA ALA A 164 19.84 17.51 -9.65
C ALA A 164 20.52 16.30 -9.02
N LEU A 165 21.31 15.57 -9.83
CA LEU A 165 22.03 14.39 -9.36
C LEU A 165 23.25 14.79 -8.54
N ALA A 166 23.69 16.05 -8.67
CA ALA A 166 24.75 16.58 -7.82
C ALA A 166 24.20 16.91 -6.43
N CYS A 167 22.87 16.93 -6.29
CA CYS A 167 22.21 17.19 -5.02
C CYS A 167 21.79 15.88 -4.35
N ALA A 168 21.03 15.06 -5.09
CA ALA A 168 20.30 13.94 -4.50
C ALA A 168 21.19 12.71 -4.36
N ALA A 169 22.21 12.58 -5.21
CA ALA A 169 23.04 11.38 -5.25
C ALA A 169 23.98 11.32 -4.05
N PRO A 170 24.75 12.40 -3.74
CA PRO A 170 25.78 12.34 -2.70
C PRO A 170 25.31 11.77 -1.35
N PRO A 171 24.11 12.14 -0.84
CA PRO A 171 23.55 11.46 0.34
C PRO A 171 23.60 9.94 0.28
N LEU A 172 23.31 9.37 -0.90
CA LEU A 172 23.32 7.94 -1.10
C LEU A 172 24.75 7.41 -1.09
N VAL A 173 25.70 8.24 -1.56
CA VAL A 173 27.10 7.86 -1.65
C VAL A 173 27.70 7.83 -0.25
N GLY A 174 27.64 8.96 0.47
CA GLY A 174 28.28 9.09 1.76
C GLY A 174 28.22 10.51 2.31
N TRP A 175 28.47 11.49 1.44
CA TRP A 175 28.41 12.90 1.81
C TRP A 175 26.98 13.31 2.07
N SER A 176 26.66 13.56 3.34
CA SER A 176 25.30 13.72 3.85
C SER A 176 24.58 12.39 3.85
N ARG A 177 23.33 12.40 4.33
CA ARG A 177 22.50 11.21 4.35
C ARG A 177 21.03 11.63 4.35
N TYR A 178 20.16 10.68 3.98
CA TYR A 178 18.72 10.85 4.12
C TYR A 178 18.29 10.30 5.47
N ILE A 179 17.48 11.08 6.19
CA ILE A 179 17.10 10.78 7.56
C ILE A 179 15.62 11.14 7.73
N PRO A 180 14.82 10.32 8.46
CA PRO A 180 13.40 10.61 8.67
C PRO A 180 13.15 11.94 9.40
N GLU A 181 12.11 12.66 8.96
CA GLU A 181 11.84 14.01 9.42
C GLU A 181 10.42 14.10 9.98
N GLY A 182 10.23 15.00 10.95
CA GLY A 182 8.91 15.31 11.48
C GLY A 182 8.26 14.11 12.15
N MET A 183 7.24 13.53 11.49
CA MET A 183 6.50 12.41 12.03
C MET A 183 7.23 11.10 11.72
N GLN A 184 8.38 11.20 11.02
CA GLN A 184 9.20 10.06 10.65
C GLN A 184 8.47 9.25 9.56
N CYS A 185 7.81 9.97 8.64
CA CYS A 185 7.11 9.37 7.52
C CYS A 185 7.77 9.77 6.21
N SER A 186 8.23 11.03 6.12
CA SER A 186 9.06 11.49 5.01
C SER A 186 10.53 11.35 5.38
N CYS A 187 11.42 11.64 4.42
CA CYS A 187 12.84 11.75 4.67
C CYS A 187 13.38 13.03 4.03
N GLY A 188 14.64 13.35 4.34
CA GLY A 188 15.29 14.53 3.80
C GLY A 188 16.75 14.63 4.26
N ILE A 189 17.41 15.73 3.87
CA ILE A 189 18.81 15.92 4.17
C ILE A 189 18.97 16.21 5.66
N ASP A 190 20.07 15.71 6.23
CA ASP A 190 20.29 15.72 7.67
C ASP A 190 20.68 17.13 8.11
N TYR A 191 19.67 17.91 8.53
CA TYR A 191 19.86 19.26 9.07
C TYR A 191 20.18 19.16 10.57
N TYR A 192 19.85 18.01 11.14
CA TYR A 192 19.79 17.83 12.58
C TYR A 192 21.17 17.38 13.05
N THR A 193 21.37 16.05 13.11
CA THR A 193 22.62 15.50 13.58
C THR A 193 23.76 16.01 12.70
N PRO A 194 24.87 16.51 13.28
CA PRO A 194 26.03 16.92 12.48
C PRO A 194 26.65 15.74 11.75
N HIS A 195 26.78 14.60 12.47
CA HIS A 195 27.28 13.37 11.91
C HIS A 195 28.53 13.65 11.06
N GLU A 196 29.57 14.19 11.71
CA GLU A 196 30.80 14.56 11.01
C GLU A 196 31.28 13.40 10.13
N GLU A 197 31.11 12.16 10.59
CA GLU A 197 31.50 10.98 9.81
C GLU A 197 30.89 11.04 8.42
N THR A 198 29.68 11.60 8.32
CA THR A 198 28.97 11.77 7.06
C THR A 198 29.29 13.14 6.45
N ASN A 199 29.54 14.15 7.29
CA ASN A 199 29.87 15.50 6.89
C ASN A 199 28.65 16.19 6.28
N ASN A 200 27.50 16.08 6.95
CA ASN A 200 26.26 16.60 6.41
C ASN A 200 26.17 18.11 6.65
N GLU A 201 26.94 18.61 7.63
CA GLU A 201 26.96 20.04 7.93
C GLU A 201 27.48 20.81 6.72
N SER A 202 28.55 20.29 6.11
CA SER A 202 29.16 20.93 4.94
C SER A 202 28.23 20.84 3.73
N PHE A 203 27.46 19.76 3.64
CA PHE A 203 26.57 19.54 2.50
C PHE A 203 25.39 20.50 2.53
N VAL A 204 24.93 20.86 3.74
CA VAL A 204 23.76 21.71 3.87
C VAL A 204 24.07 23.10 3.34
N ILE A 205 25.29 23.59 3.62
CA ILE A 205 25.77 24.84 3.04
C ILE A 205 25.81 24.70 1.53
N TYR A 206 26.37 23.58 1.07
CA TYR A 206 26.43 23.25 -0.35
C TYR A 206 25.02 23.30 -0.94
N MET A 207 24.07 22.60 -0.30
CA MET A 207 22.74 22.42 -0.87
C MET A 207 22.00 23.75 -0.93
N PHE A 208 22.05 24.54 0.16
CA PHE A 208 21.31 25.78 0.22
C PHE A 208 21.82 26.77 -0.82
N VAL A 209 23.13 27.03 -0.82
CA VAL A 209 23.71 28.03 -1.72
C VAL A 209 23.64 27.54 -3.17
N VAL A 210 24.38 26.45 -3.44
CA VAL A 210 24.61 25.90 -4.77
C VAL A 210 23.32 25.36 -5.38
N HIS A 211 22.53 24.63 -4.60
CA HIS A 211 21.37 23.91 -5.11
C HIS A 211 20.07 24.67 -4.82
N PHE A 212 20.15 25.88 -4.25
CA PHE A 212 18.96 26.70 -4.04
C PHE A 212 19.25 28.16 -4.39
N ILE A 213 20.12 28.81 -3.60
CA ILE A 213 20.27 30.26 -3.65
C ILE A 213 20.83 30.70 -5.00
N ILE A 214 21.86 30.00 -5.50
CA ILE A 214 22.50 30.38 -6.75
C ILE A 214 21.44 30.42 -7.86
N PRO A 215 20.65 29.35 -8.10
CA PRO A 215 19.50 29.42 -9.00
C PRO A 215 18.63 30.68 -8.86
N LEU A 216 18.23 31.00 -7.63
CA LEU A 216 17.35 32.13 -7.36
C LEU A 216 18.00 33.44 -7.82
N ILE A 217 19.32 33.53 -7.68
CA ILE A 217 20.07 34.69 -8.17
C ILE A 217 19.98 34.74 -9.69
N VAL A 218 20.14 33.58 -10.34
CA VAL A 218 20.16 33.49 -11.79
C VAL A 218 18.76 33.77 -12.36
N ILE A 219 17.72 33.36 -11.61
CA ILE A 219 16.34 33.56 -12.03
C ILE A 219 15.98 35.05 -11.91
N PHE A 220 16.29 35.65 -10.75
CA PHE A 220 15.96 37.04 -10.50
C PHE A 220 16.93 37.97 -11.22
N PHE A 221 18.10 37.44 -11.63
CA PHE A 221 18.99 38.16 -12.53
C PHE A 221 18.34 38.31 -13.89
N CYS A 222 17.80 37.19 -14.42
CA CYS A 222 17.18 37.16 -15.73
C CYS A 222 15.84 37.92 -15.72
N TYR A 223 15.14 37.87 -14.59
CA TYR A 223 13.90 38.62 -14.41
C TYR A 223 14.19 40.11 -14.34
N GLY A 224 15.35 40.46 -13.79
CA GLY A 224 15.78 41.86 -13.69
C GLY A 224 16.08 42.49 -15.03
N GLN A 225 16.40 41.66 -16.03
CA GLN A 225 16.64 42.14 -17.39
C GLN A 225 15.32 42.54 -18.03
N LEU A 226 14.23 41.82 -17.67
CA LEU A 226 12.90 42.14 -18.15
C LEU A 226 12.17 42.99 -17.11
N VAL A 227 12.66 44.23 -16.94
CA VAL A 227 12.00 45.24 -16.12
C VAL A 227 11.58 46.41 -17.01
N PHE A 228 12.44 46.79 -17.96
CA PHE A 228 12.12 47.80 -18.95
C PHE A 228 11.13 47.24 -19.97
N THR A 229 11.07 45.91 -20.10
CA THR A 229 10.13 45.25 -21.01
C THR A 229 8.76 45.15 -20.34
N VAL A 230 8.70 44.43 -19.20
CA VAL A 230 7.45 44.17 -18.49
C VAL A 230 7.54 44.77 -17.09
N ALA A 241 0.57 38.75 -33.44
CA ALA A 241 -0.36 37.66 -33.08
C ALA A 241 0.42 36.48 -32.49
N THR A 242 1.42 36.00 -33.25
CA THR A 242 2.23 34.86 -32.85
C THR A 242 3.28 35.30 -31.83
N THR A 243 4.12 36.27 -32.22
CA THR A 243 5.26 36.70 -31.42
C THR A 243 4.80 37.54 -30.23
N GLN A 244 3.61 38.14 -30.31
CA GLN A 244 3.10 39.02 -29.27
C GLN A 244 2.43 38.22 -28.16
N LYS A 245 2.03 36.98 -28.46
CA LYS A 245 1.38 36.11 -27.49
C LYS A 245 2.35 35.02 -27.01
N ALA A 246 3.07 34.40 -27.95
CA ALA A 246 4.00 33.32 -27.64
C ALA A 246 5.15 33.83 -26.77
N GLU A 247 5.47 35.12 -26.88
CA GLU A 247 6.47 35.76 -26.04
C GLU A 247 5.87 36.03 -24.67
N LYS A 248 4.63 36.55 -24.65
CA LYS A 248 4.01 37.03 -23.42
C LYS A 248 3.56 35.85 -22.57
N GLU A 249 2.65 35.03 -23.10
CA GLU A 249 1.94 34.03 -22.31
C GLU A 249 2.91 32.99 -21.76
N VAL A 250 3.94 32.65 -22.54
CA VAL A 250 4.91 31.64 -22.15
C VAL A 250 5.80 32.20 -21.03
N THR A 251 6.31 33.42 -21.23
CA THR A 251 7.14 34.08 -20.25
C THR A 251 6.33 34.42 -18.99
N ARG A 252 5.02 34.68 -19.19
CA ARG A 252 4.11 34.92 -18.09
C ARG A 252 3.97 33.63 -17.26
N MET A 253 3.88 32.48 -17.95
CA MET A 253 3.70 31.20 -17.30
C MET A 253 4.98 30.79 -16.56
N VAL A 254 6.13 31.17 -17.10
CA VAL A 254 7.41 30.89 -16.47
C VAL A 254 7.46 31.57 -15.10
N ILE A 255 6.89 32.78 -15.01
CA ILE A 255 6.83 33.53 -13.75
C ILE A 255 5.87 32.83 -12.79
N ILE A 256 4.70 32.40 -13.29
CA ILE A 256 3.69 31.74 -12.47
C ILE A 256 4.23 30.37 -12.01
N MET A 257 5.10 29.76 -12.83
CA MET A 257 5.72 28.48 -12.49
C MET A 257 6.69 28.66 -11.33
N VAL A 258 7.35 29.82 -11.27
CA VAL A 258 8.29 30.14 -10.19
C VAL A 258 7.49 30.54 -8.95
N ILE A 259 6.47 31.38 -9.13
CA ILE A 259 5.64 31.84 -8.03
C ILE A 259 5.10 30.64 -7.25
N ALA A 260 4.64 29.61 -7.98
CA ALA A 260 4.12 28.40 -7.36
C ALA A 260 5.24 27.62 -6.67
N PHE A 261 6.44 27.65 -7.26
CA PHE A 261 7.61 26.99 -6.69
C PHE A 261 8.00 27.64 -5.36
N LEU A 262 7.90 28.97 -5.30
CA LEU A 262 8.29 29.72 -4.12
C LEU A 262 7.30 29.49 -2.99
N ILE A 263 6.02 29.31 -3.33
CA ILE A 263 4.99 28.99 -2.36
C ILE A 263 5.22 27.58 -1.82
N CYS A 264 5.68 26.68 -2.70
CA CYS A 264 5.77 25.25 -2.41
C CYS A 264 6.96 24.95 -1.50
N TRP A 265 8.15 25.45 -1.86
CA TRP A 265 9.40 24.92 -1.35
C TRP A 265 10.03 25.81 -0.26
N LEU A 266 9.55 27.06 -0.13
CA LEU A 266 10.06 27.95 0.91
C LEU A 266 9.69 27.42 2.29
N PRO A 267 8.43 26.99 2.55
CA PRO A 267 8.06 26.41 3.84
C PRO A 267 9.09 25.39 4.34
N TYR A 268 9.41 24.40 3.48
CA TYR A 268 10.35 23.36 3.83
C TYR A 268 11.77 23.92 3.95
N ALA A 269 12.17 24.72 2.96
CA ALA A 269 13.53 25.24 2.87
C ALA A 269 13.84 26.12 4.08
N GLY A 270 12.84 26.89 4.54
CA GLY A 270 12.99 27.75 5.69
C GLY A 270 13.10 26.96 6.99
N VAL A 271 12.22 25.96 7.15
CA VAL A 271 12.20 25.11 8.33
C VAL A 271 13.49 24.31 8.39
N ALA A 272 13.99 23.87 7.23
CA ALA A 272 15.22 23.10 7.15
C ALA A 272 16.40 23.93 7.64
N PHE A 273 16.39 25.22 7.32
CA PHE A 273 17.44 26.14 7.75
C PHE A 273 17.31 26.43 9.25
N TYR A 274 16.07 26.62 9.71
CA TYR A 274 15.79 26.88 11.11
C TYR A 274 16.36 25.75 11.96
N ILE A 275 16.16 24.51 11.52
CA ILE A 275 16.61 23.32 12.24
C ILE A 275 18.12 23.18 12.11
N PHE A 276 18.68 23.61 10.97
CA PHE A 276 20.12 23.54 10.74
C PHE A 276 20.84 24.46 11.71
N THR A 277 20.24 25.62 12.02
CA THR A 277 20.82 26.57 12.95
C THR A 277 20.59 26.11 14.39
N HIS A 278 19.34 25.77 14.71
CA HIS A 278 18.93 25.45 16.07
C HIS A 278 18.89 23.93 16.27
N GLN A 279 20.05 23.29 16.10
CA GLN A 279 20.16 21.85 16.24
C GLN A 279 20.03 21.47 17.71
N GLY A 280 19.01 20.67 18.03
CA GLY A 280 18.81 20.17 19.38
C GLY A 280 17.80 21.00 20.17
N SER A 281 17.20 22.01 19.52
CA SER A 281 16.23 22.88 20.15
C SER A 281 14.92 22.12 20.39
N ASP A 282 14.00 22.74 21.13
CA ASP A 282 12.72 22.13 21.44
C ASP A 282 11.75 22.41 20.29
N PHE A 283 11.63 21.43 19.38
CA PHE A 283 10.62 21.46 18.33
C PHE A 283 10.01 20.06 18.18
N GLY A 284 8.73 20.03 17.83
CA GLY A 284 7.96 18.79 17.78
C GLY A 284 7.99 18.13 16.41
N PRO A 285 7.24 17.03 16.20
CA PRO A 285 7.19 16.34 14.92
C PRO A 285 6.30 17.02 13.87
N ILE A 286 5.36 17.85 14.34
CA ILE A 286 4.38 18.48 13.47
C ILE A 286 5.01 19.70 12.80
N PHE A 287 6.14 20.17 13.35
CA PHE A 287 6.82 21.37 12.86
C PHE A 287 7.24 21.19 11.41
N MET A 288 7.96 20.11 11.12
CA MET A 288 8.60 19.91 9.83
C MET A 288 7.66 19.15 8.89
N THR A 289 6.82 18.27 9.44
CA THR A 289 6.06 17.32 8.63
C THR A 289 5.02 18.06 7.78
N ILE A 290 4.52 19.19 8.28
CA ILE A 290 3.53 19.99 7.56
C ILE A 290 4.16 20.57 6.28
N PRO A 291 5.23 21.38 6.37
CA PRO A 291 5.88 21.91 5.16
C PRO A 291 6.62 20.88 4.30
N ALA A 292 6.94 19.72 4.89
CA ALA A 292 7.59 18.64 4.18
C ALA A 292 6.60 17.98 3.22
N PHE A 293 5.42 17.61 3.74
CA PHE A 293 4.39 16.95 2.95
C PHE A 293 3.71 17.94 2.02
N PHE A 294 3.71 19.23 2.39
CA PHE A 294 3.16 20.28 1.54
C PHE A 294 3.99 20.40 0.26
N ALA A 295 5.30 20.17 0.37
CA ALA A 295 6.23 20.34 -0.74
C ALA A 295 6.12 19.18 -1.73
N LYS A 296 5.39 18.11 -1.36
CA LYS A 296 5.23 16.95 -2.21
C LYS A 296 4.14 17.20 -3.27
N THR A 297 3.59 18.41 -3.30
CA THR A 297 2.69 18.84 -4.37
C THR A 297 3.49 19.21 -5.61
N SER A 298 4.83 19.16 -5.51
CA SER A 298 5.72 19.45 -6.62
C SER A 298 5.50 18.49 -7.78
N ALA A 299 4.88 17.33 -7.49
CA ALA A 299 4.61 16.33 -8.51
C ALA A 299 3.47 16.78 -9.43
N VAL A 300 2.50 17.53 -8.89
CA VAL A 300 1.24 17.76 -9.59
C VAL A 300 1.09 19.21 -10.05
N TYR A 301 1.59 20.18 -9.29
CA TYR A 301 1.23 21.57 -9.50
C TYR A 301 1.82 22.10 -10.81
N ASN A 302 3.00 21.60 -11.20
CA ASN A 302 3.71 22.13 -12.36
C ASN A 302 2.92 21.85 -13.64
N PRO A 303 2.62 20.57 -13.99
CA PRO A 303 1.83 20.26 -15.19
C PRO A 303 0.33 20.49 -15.08
N VAL A 304 -0.13 21.17 -14.02
CA VAL A 304 -1.47 21.70 -13.97
C VAL A 304 -1.47 23.07 -14.64
N ILE A 305 -0.39 23.83 -14.44
CA ILE A 305 -0.21 25.16 -15.02
C ILE A 305 -0.05 25.02 -16.54
N TYR A 306 0.67 23.97 -16.96
CA TYR A 306 0.96 23.72 -18.37
C TYR A 306 -0.33 23.43 -19.15
N ILE A 307 -1.34 22.90 -18.44
CA ILE A 307 -2.67 22.71 -19.01
C ILE A 307 -3.50 23.98 -18.79
N MET A 308 -3.45 24.52 -17.58
CA MET A 308 -4.34 25.60 -17.15
C MET A 308 -4.05 26.88 -17.96
N MET A 309 -2.78 27.27 -18.00
CA MET A 309 -2.39 28.54 -18.62
C MET A 309 -2.18 28.36 -20.12
N ASN A 310 -1.25 27.48 -20.50
CA ASN A 310 -0.92 27.26 -21.90
C ASN A 310 -2.07 26.50 -22.56
N LYS A 311 -2.91 27.24 -23.30
CA LYS A 311 -4.09 26.68 -23.93
C LYS A 311 -3.71 25.93 -25.21
N GLN A 312 -2.53 26.26 -25.77
CA GLN A 312 -2.03 25.62 -26.97
C GLN A 312 -1.91 24.11 -26.73
N PHE A 313 -1.37 23.74 -25.57
CA PHE A 313 -1.23 22.34 -25.20
C PHE A 313 -2.59 21.72 -24.89
N ARG A 314 -3.46 22.49 -24.21
CA ARG A 314 -4.76 22.01 -23.77
C ARG A 314 -5.59 21.54 -24.97
N ASN A 315 -5.44 22.21 -26.11
CA ASN A 315 -6.14 21.85 -27.33
C ASN A 315 -5.64 20.49 -27.82
N CYS A 316 -4.32 20.31 -27.83
CA CYS A 316 -3.69 19.11 -28.35
C CYS A 316 -3.80 17.95 -27.35
N MET A 317 -4.07 18.27 -26.08
CA MET A 317 -4.32 17.26 -25.07
C MET A 317 -5.66 16.57 -25.37
N VAL A 318 -6.65 17.37 -25.77
CA VAL A 318 -7.99 16.88 -26.04
C VAL A 318 -7.95 15.97 -27.27
N THR A 319 -7.03 16.24 -28.19
CA THR A 319 -6.83 15.42 -29.38
C THR A 319 -6.49 13.99 -28.98
N THR A 320 -5.62 13.85 -27.97
CA THR A 320 -5.19 12.54 -27.49
C THR A 320 -6.34 11.83 -26.78
N LEU A 321 -7.03 12.56 -25.89
CA LEU A 321 -8.15 12.02 -25.16
C LEU A 321 -9.31 11.74 -26.11
N CYS A 322 -10.01 12.80 -26.55
CA CYS A 322 -11.12 12.66 -27.47
C CYS A 322 -10.57 12.55 -28.89
N CYS A 323 -10.36 11.30 -29.34
CA CYS A 323 -9.63 11.02 -30.57
C CYS A 323 -10.49 11.39 -31.78
N MET B 1 -6.56 -35.30 -1.61
CA MET B 1 -5.54 -34.30 -1.19
C MET B 1 -5.06 -33.52 -2.42
N ASN B 2 -6.04 -32.99 -3.17
CA ASN B 2 -5.76 -32.14 -4.33
C ASN B 2 -5.66 -30.68 -3.88
N GLY B 3 -6.67 -30.21 -3.15
CA GLY B 3 -6.67 -28.88 -2.57
C GLY B 3 -6.26 -28.91 -1.10
N THR B 4 -6.60 -27.85 -0.37
CA THR B 4 -6.29 -27.75 1.05
C THR B 4 -7.31 -26.83 1.72
N GLU B 5 -8.38 -27.44 2.25
CA GLU B 5 -9.44 -26.71 2.91
C GLU B 5 -8.99 -26.33 4.32
N GLY B 6 -9.51 -25.19 4.79
CA GLY B 6 -9.33 -24.77 6.18
C GLY B 6 -10.60 -24.12 6.72
N PRO B 7 -10.61 -23.69 8.00
CA PRO B 7 -11.78 -23.03 8.59
C PRO B 7 -12.29 -21.84 7.76
N ASN B 8 -11.35 -21.01 7.29
CA ASN B 8 -11.69 -19.78 6.57
C ASN B 8 -11.49 -19.94 5.07
N PHE B 9 -10.61 -20.86 4.65
CA PHE B 9 -9.99 -20.80 3.35
C PHE B 9 -10.05 -22.14 2.61
N TYR B 10 -9.63 -22.11 1.34
CA TYR B 10 -9.38 -23.32 0.56
C TYR B 10 -8.29 -23.00 -0.46
N VAL B 11 -7.10 -23.60 -0.25
CA VAL B 11 -5.95 -23.38 -1.10
C VAL B 11 -5.91 -24.47 -2.15
N PRO B 12 -6.02 -24.13 -3.47
CA PRO B 12 -5.98 -25.14 -4.53
C PRO B 12 -4.57 -25.63 -4.82
N PHE B 13 -4.00 -26.36 -3.84
CA PHE B 13 -2.64 -26.86 -3.91
C PHE B 13 -2.43 -27.86 -2.78
N SER B 14 -1.94 -29.06 -3.12
CA SER B 14 -1.89 -30.17 -2.19
C SER B 14 -0.93 -29.86 -1.03
N ASN B 15 -1.30 -30.33 0.17
CA ASN B 15 -0.49 -30.13 1.36
C ASN B 15 0.12 -31.47 1.77
N LYS B 16 0.62 -32.22 0.79
CA LYS B 16 1.36 -33.44 1.03
C LYS B 16 2.80 -33.07 1.39
N THR B 17 3.33 -32.06 0.69
CA THR B 17 4.68 -31.56 0.92
C THR B 17 4.78 -30.87 2.28
N GLY B 18 3.63 -30.42 2.82
CA GLY B 18 3.60 -29.80 4.13
C GLY B 18 3.84 -28.29 4.07
N VAL B 19 3.82 -27.74 2.86
CA VAL B 19 4.24 -26.36 2.62
C VAL B 19 3.05 -25.41 2.80
N VAL B 20 1.83 -25.93 2.61
CA VAL B 20 0.64 -25.09 2.52
C VAL B 20 0.41 -24.38 3.86
N ARG B 21 0.06 -23.09 3.77
CA ARG B 21 -0.22 -22.26 4.92
C ARG B 21 -1.53 -21.51 4.67
N SER B 22 -2.12 -20.98 5.74
CA SER B 22 -3.35 -20.20 5.65
C SER B 22 -3.06 -18.88 4.92
N PRO B 23 -3.90 -18.46 3.94
CA PRO B 23 -3.69 -17.20 3.23
C PRO B 23 -4.12 -15.97 4.02
N PHE B 24 -4.36 -16.14 5.32
CA PHE B 24 -4.53 -15.03 6.25
C PHE B 24 -3.31 -14.90 7.15
N GLU B 25 -2.55 -15.99 7.29
CA GLU B 25 -1.48 -16.07 8.28
C GLU B 25 -0.13 -15.79 7.63
N ALA B 26 0.11 -16.34 6.43
CA ALA B 26 1.41 -16.25 5.78
C ALA B 26 1.24 -16.09 4.26
N PRO B 27 2.28 -15.64 3.54
CA PRO B 27 2.19 -15.43 2.09
C PRO B 27 2.12 -16.74 1.31
N GLN B 28 1.66 -16.64 0.05
CA GLN B 28 1.33 -17.80 -0.76
C GLN B 28 2.22 -17.84 -1.99
N TYR B 29 3.54 -17.70 -1.79
CA TYR B 29 4.48 -17.64 -2.90
C TYR B 29 4.84 -19.03 -3.39
N TYR B 30 4.36 -20.08 -2.70
CA TYR B 30 4.55 -21.45 -3.12
C TYR B 30 3.50 -21.83 -4.16
N LEU B 31 2.41 -21.04 -4.25
CA LEU B 31 1.36 -21.27 -5.22
C LEU B 31 1.87 -20.96 -6.63
N ALA B 32 2.49 -19.79 -6.77
CA ALA B 32 3.06 -19.36 -8.03
C ALA B 32 4.28 -18.48 -7.77
N GLU B 33 4.98 -18.11 -8.84
CA GLU B 33 6.22 -17.35 -8.74
C GLU B 33 5.95 -16.01 -8.06
N PRO B 34 6.92 -15.46 -7.28
CA PRO B 34 6.71 -14.18 -6.59
C PRO B 34 6.45 -12.99 -7.50
N TRP B 35 6.99 -13.03 -8.73
CA TRP B 35 6.81 -11.95 -9.68
C TRP B 35 5.39 -11.94 -10.24
N GLN B 36 4.74 -13.11 -10.24
CA GLN B 36 3.36 -13.24 -10.71
C GLN B 36 2.41 -12.53 -9.76
N PHE B 37 2.80 -12.40 -8.48
CA PHE B 37 2.03 -11.67 -7.49
C PHE B 37 2.19 -10.16 -7.70
N SER B 38 3.39 -9.73 -8.12
CA SER B 38 3.66 -8.35 -8.46
C SER B 38 2.98 -7.98 -9.78
N MET B 39 2.78 -8.98 -10.65
CA MET B 39 2.05 -8.80 -11.90
C MET B 39 0.59 -8.45 -11.61
N LEU B 40 0.03 -9.08 -10.57
CA LEU B 40 -1.32 -8.77 -10.13
C LEU B 40 -1.37 -7.34 -9.60
N ALA B 41 -0.47 -7.03 -8.65
CA ALA B 41 -0.43 -5.73 -8.01
C ALA B 41 -0.23 -4.63 -9.04
N ALA B 42 0.59 -4.90 -10.07
CA ALA B 42 0.82 -3.95 -11.14
C ALA B 42 -0.46 -3.75 -11.95
N TYR B 43 -1.05 -4.86 -12.41
CA TYR B 43 -2.32 -4.85 -13.12
C TYR B 43 -3.41 -4.17 -12.30
N MET B 44 -3.42 -4.47 -11.00
CA MET B 44 -4.48 -4.02 -10.10
C MET B 44 -4.34 -2.52 -9.82
N PHE B 45 -3.11 -2.01 -9.93
CA PHE B 45 -2.84 -0.59 -9.82
C PHE B 45 -3.56 0.18 -10.92
N LEU B 46 -3.41 -0.31 -12.16
CA LEU B 46 -3.96 0.36 -13.33
C LEU B 46 -5.48 0.39 -13.29
N LEU B 47 -6.10 -0.63 -12.66
CA LEU B 47 -7.54 -0.65 -12.49
C LEU B 47 -7.97 0.47 -11.56
N ILE B 48 -7.23 0.66 -10.46
CA ILE B 48 -7.48 1.73 -9.51
C ILE B 48 -7.10 3.07 -10.13
N MET B 49 -6.05 3.05 -10.96
CA MET B 49 -5.44 4.28 -11.46
C MET B 49 -6.36 4.95 -12.48
N LEU B 50 -6.87 4.15 -13.42
CA LEU B 50 -7.77 4.65 -14.47
C LEU B 50 -9.23 4.54 -14.02
N GLY B 51 -9.47 3.92 -12.87
CA GLY B 51 -10.82 3.73 -12.36
C GLY B 51 -11.38 5.01 -11.74
N PHE B 52 -10.62 5.59 -10.79
CA PHE B 52 -11.05 6.74 -10.03
C PHE B 52 -11.43 7.91 -10.94
N PRO B 53 -10.54 8.38 -11.84
CA PRO B 53 -10.83 9.58 -12.64
C PRO B 53 -12.04 9.46 -13.55
N ILE B 54 -12.20 8.29 -14.20
CA ILE B 54 -13.27 8.08 -15.16
C ILE B 54 -14.60 8.02 -14.42
N ASN B 55 -14.63 7.35 -13.26
CA ASN B 55 -15.85 7.21 -12.49
C ASN B 55 -16.18 8.52 -11.77
N PHE B 56 -15.15 9.23 -11.30
CA PHE B 56 -15.34 10.46 -10.56
C PHE B 56 -15.80 11.58 -11.48
N LEU B 57 -15.14 11.73 -12.64
CA LEU B 57 -15.46 12.75 -13.61
C LEU B 57 -16.86 12.52 -14.16
N THR B 58 -17.22 11.24 -14.41
CA THR B 58 -18.51 10.88 -14.94
C THR B 58 -19.61 11.19 -13.92
N LEU B 59 -19.31 10.96 -12.63
CA LEU B 59 -20.21 11.32 -11.55
C LEU B 59 -20.33 12.84 -11.45
N TYR B 60 -19.20 13.52 -11.61
CA TYR B 60 -19.13 14.97 -11.46
C TYR B 60 -19.91 15.65 -12.58
N VAL B 61 -19.67 15.23 -13.82
CA VAL B 61 -20.26 15.84 -15.00
C VAL B 61 -21.78 15.66 -14.97
N THR B 62 -22.24 14.48 -14.57
CA THR B 62 -23.66 14.15 -14.56
C THR B 62 -24.39 15.02 -13.53
N VAL B 63 -23.78 15.21 -12.35
CA VAL B 63 -24.41 15.94 -11.26
C VAL B 63 -24.29 17.45 -11.51
N GLN B 64 -23.11 17.89 -11.99
CA GLN B 64 -22.85 19.29 -12.25
C GLN B 64 -23.88 19.84 -13.23
N HIS B 65 -24.08 19.14 -14.36
CA HIS B 65 -25.03 19.55 -15.37
C HIS B 65 -26.45 19.27 -14.91
N LYS B 66 -27.29 20.32 -14.96
CA LYS B 66 -28.73 20.18 -14.70
C LYS B 66 -29.37 19.37 -15.82
N LYS B 67 -28.80 19.47 -17.02
CA LYS B 67 -29.20 18.65 -18.15
C LYS B 67 -28.69 17.23 -17.93
N LEU B 68 -28.85 16.37 -18.94
CA LEU B 68 -28.40 14.99 -18.89
C LEU B 68 -29.04 14.28 -17.70
N ARG B 69 -30.37 14.14 -17.76
CA ARG B 69 -31.14 13.47 -16.72
C ARG B 69 -32.02 12.38 -17.34
N THR B 70 -31.60 11.86 -18.51
CA THR B 70 -32.27 10.74 -19.14
C THR B 70 -31.94 9.48 -18.34
N PRO B 71 -32.88 8.50 -18.24
CA PRO B 71 -32.63 7.27 -17.48
C PRO B 71 -31.27 6.62 -17.72
N LEU B 72 -30.78 6.72 -18.98
CA LEU B 72 -29.47 6.21 -19.35
C LEU B 72 -28.38 6.86 -18.49
N ASN B 73 -28.51 8.17 -18.24
CA ASN B 73 -27.52 8.93 -17.51
C ASN B 73 -27.61 8.64 -16.02
N TYR B 74 -28.81 8.35 -15.53
CA TYR B 74 -29.03 8.01 -14.12
C TYR B 74 -28.34 6.70 -13.76
N ILE B 75 -28.46 5.71 -14.65
CA ILE B 75 -27.92 4.38 -14.40
C ILE B 75 -26.40 4.41 -14.56
N LEU B 76 -25.90 5.15 -15.56
CA LEU B 76 -24.48 5.23 -15.83
C LEU B 76 -23.78 6.11 -14.78
N LEU B 77 -24.57 6.90 -14.03
CA LEU B 77 -24.09 7.53 -12.81
C LEU B 77 -24.13 6.50 -11.68
N ASN B 78 -25.22 5.73 -11.60
CA ASN B 78 -25.40 4.70 -10.60
C ASN B 78 -24.22 3.73 -10.63
N LEU B 79 -23.79 3.36 -11.85
CA LEU B 79 -22.61 2.53 -12.04
C LEU B 79 -21.36 3.24 -11.52
N ALA B 80 -21.20 4.52 -11.92
CA ALA B 80 -20.03 5.31 -11.56
C ALA B 80 -19.89 5.41 -10.05
N VAL B 81 -21.02 5.43 -9.33
CA VAL B 81 -21.03 5.43 -7.87
C VAL B 81 -20.51 4.08 -7.37
N ALA B 82 -21.08 2.99 -7.91
CA ALA B 82 -20.72 1.65 -7.51
C ALA B 82 -19.27 1.34 -7.88
N ASP B 83 -18.83 1.85 -9.04
CA ASP B 83 -17.49 1.60 -9.55
C ASP B 83 -16.45 2.26 -8.66
N LEU B 84 -16.83 3.38 -8.01
CA LEU B 84 -15.97 4.03 -7.04
C LEU B 84 -15.91 3.21 -5.75
N PHE B 85 -17.05 2.60 -5.37
CA PHE B 85 -17.12 1.73 -4.22
C PHE B 85 -16.28 0.46 -4.47
N MET B 86 -16.15 0.08 -5.74
CA MET B 86 -15.26 -1.01 -6.14
C MET B 86 -13.81 -0.58 -5.90
N VAL B 87 -13.45 0.58 -6.44
CA VAL B 87 -12.08 1.05 -6.49
C VAL B 87 -11.55 1.29 -5.07
N PHE B 88 -12.41 1.83 -4.19
CA PHE B 88 -12.00 2.19 -2.84
C PHE B 88 -12.26 1.05 -1.87
N GLY B 89 -13.45 0.45 -1.96
CA GLY B 89 -13.85 -0.59 -1.02
C GLY B 89 -13.11 -1.91 -1.26
N GLY B 90 -13.02 -2.33 -2.53
CA GLY B 90 -12.52 -3.64 -2.88
C GLY B 90 -11.08 -3.61 -3.39
N PHE B 91 -10.81 -2.75 -4.39
CA PHE B 91 -9.58 -2.82 -5.16
C PHE B 91 -8.37 -2.43 -4.32
N THR B 92 -8.57 -1.56 -3.32
CA THR B 92 -7.50 -1.18 -2.41
C THR B 92 -6.98 -2.41 -1.67
N THR B 93 -7.91 -3.23 -1.16
CA THR B 93 -7.57 -4.39 -0.36
C THR B 93 -6.77 -5.40 -1.20
N THR B 94 -7.22 -5.64 -2.43
CA THR B 94 -6.59 -6.62 -3.31
C THR B 94 -5.22 -6.12 -3.77
N LEU B 95 -5.10 -4.81 -4.01
CA LEU B 95 -3.83 -4.24 -4.42
C LEU B 95 -2.81 -4.35 -3.28
N TYR B 96 -3.29 -4.17 -2.05
CA TYR B 96 -2.45 -4.28 -0.86
C TYR B 96 -2.09 -5.75 -0.63
N THR B 97 -3.07 -6.64 -0.82
CA THR B 97 -2.90 -8.06 -0.59
C THR B 97 -2.03 -8.68 -1.68
N SER B 98 -2.19 -8.22 -2.94
CA SER B 98 -1.40 -8.70 -4.06
C SER B 98 0.09 -8.48 -3.80
N LEU B 99 0.42 -7.36 -3.15
CA LEU B 99 1.80 -7.03 -2.81
C LEU B 99 2.32 -8.00 -1.77
N HIS B 100 1.62 -8.09 -0.63
CA HIS B 100 2.06 -8.87 0.51
C HIS B 100 1.99 -10.37 0.21
N GLY B 101 1.03 -10.77 -0.62
CA GLY B 101 0.89 -12.15 -1.04
C GLY B 101 -0.18 -12.91 -0.26
N TYR B 102 -0.81 -12.23 0.70
CA TYR B 102 -1.86 -12.83 1.51
C TYR B 102 -2.69 -11.73 2.16
N PHE B 103 -3.93 -12.08 2.55
CA PHE B 103 -4.84 -11.17 3.21
C PHE B 103 -4.32 -10.89 4.62
N VAL B 104 -3.39 -9.94 4.72
CA VAL B 104 -2.74 -9.60 5.97
C VAL B 104 -3.71 -8.85 6.87
N PHE B 105 -4.70 -8.17 6.27
CA PHE B 105 -5.77 -7.52 7.01
C PHE B 105 -6.49 -8.55 7.88
N GLY B 106 -6.90 -9.66 7.27
CA GLY B 106 -7.56 -10.75 7.97
C GLY B 106 -8.84 -11.18 7.25
N PRO B 107 -9.69 -12.02 7.89
CA PRO B 107 -10.93 -12.48 7.28
C PRO B 107 -11.87 -11.36 6.84
N THR B 108 -11.85 -10.24 7.58
CA THR B 108 -12.67 -9.08 7.25
C THR B 108 -12.13 -8.38 6.02
N GLY B 109 -10.80 -8.43 5.83
CA GLY B 109 -10.17 -7.92 4.63
C GLY B 109 -10.66 -8.62 3.37
N CYS B 110 -10.88 -9.94 3.47
CA CYS B 110 -11.43 -10.73 2.39
C CYS B 110 -12.85 -10.29 2.07
N ASN B 111 -13.64 -10.02 3.12
CA ASN B 111 -15.04 -9.64 2.95
C ASN B 111 -15.13 -8.35 2.12
N LEU B 112 -14.27 -7.38 2.39
CA LEU B 112 -14.25 -6.12 1.65
C LEU B 112 -14.04 -6.41 0.15
N GLU B 113 -13.02 -7.23 -0.15
CA GLU B 113 -12.60 -7.46 -1.51
C GLU B 113 -13.73 -8.11 -2.30
N GLY B 114 -14.35 -9.14 -1.72
CA GLY B 114 -15.43 -9.87 -2.35
C GLY B 114 -16.72 -9.05 -2.44
N PHE B 115 -17.05 -8.34 -1.35
CA PHE B 115 -18.32 -7.65 -1.21
C PHE B 115 -18.50 -6.62 -2.33
N PHE B 116 -17.57 -5.66 -2.41
CA PHE B 116 -17.72 -4.53 -3.30
C PHE B 116 -17.51 -4.95 -4.76
N ALA B 117 -16.73 -6.02 -4.97
CA ALA B 117 -16.53 -6.59 -6.29
C ALA B 117 -17.78 -7.35 -6.73
N THR B 118 -18.52 -7.92 -5.76
CA THR B 118 -19.78 -8.59 -6.03
C THR B 118 -20.86 -7.58 -6.35
N LEU B 119 -20.92 -6.49 -5.58
CA LEU B 119 -21.83 -5.39 -5.84
C LEU B 119 -21.61 -4.86 -7.26
N GLY B 120 -20.37 -4.48 -7.56
CA GLY B 120 -20.01 -3.88 -8.84
C GLY B 120 -20.57 -4.65 -10.03
N GLY B 121 -20.49 -5.99 -9.98
CA GLY B 121 -20.95 -6.85 -11.06
C GLY B 121 -22.47 -7.02 -11.07
N GLU B 122 -23.08 -7.07 -9.88
CA GLU B 122 -24.52 -7.27 -9.74
C GLU B 122 -25.26 -5.95 -10.00
N ILE B 123 -24.73 -4.84 -9.47
CA ILE B 123 -25.30 -3.53 -9.71
C ILE B 123 -25.21 -3.20 -11.20
N ALA B 124 -24.12 -3.65 -11.85
CA ALA B 124 -23.95 -3.48 -13.29
C ALA B 124 -24.93 -4.36 -14.04
N LEU B 125 -25.16 -5.59 -13.55
CA LEU B 125 -26.04 -6.54 -14.18
C LEU B 125 -27.49 -6.07 -14.08
N TRP B 126 -27.93 -5.79 -12.84
CA TRP B 126 -29.30 -5.36 -12.58
C TRP B 126 -29.58 -4.00 -13.22
N SER B 127 -28.51 -3.25 -13.53
CA SER B 127 -28.63 -2.02 -14.30
C SER B 127 -28.93 -2.33 -15.76
N LEU B 128 -28.31 -3.39 -16.30
CA LEU B 128 -28.55 -3.82 -17.67
C LEU B 128 -29.95 -4.42 -17.80
N VAL B 129 -30.51 -4.90 -16.69
CA VAL B 129 -31.90 -5.34 -16.64
C VAL B 129 -32.81 -4.13 -16.82
N VAL B 130 -32.49 -3.03 -16.12
CA VAL B 130 -33.28 -1.81 -16.16
C VAL B 130 -33.19 -1.19 -17.55
N LEU B 131 -31.98 -1.15 -18.13
CA LEU B 131 -31.75 -0.58 -19.45
C LEU B 131 -32.50 -1.38 -20.51
N ALA B 132 -32.47 -2.71 -20.40
CA ALA B 132 -33.16 -3.58 -21.34
C ALA B 132 -34.66 -3.30 -21.33
N ILE B 133 -35.22 -3.08 -20.13
CA ILE B 133 -36.63 -2.75 -19.97
C ILE B 133 -36.92 -1.36 -20.51
N GLU B 134 -35.96 -0.44 -20.33
CA GLU B 134 -36.15 0.95 -20.72
C GLU B 134 -36.15 1.09 -22.24
N ARG B 135 -35.23 0.39 -22.91
CA ARG B 135 -35.14 0.43 -24.36
C ARG B 135 -36.33 -0.30 -24.99
N TYR B 136 -36.90 -1.26 -24.26
CA TYR B 136 -38.07 -2.00 -24.70
C TYR B 136 -39.30 -1.09 -24.70
N VAL B 137 -39.46 -0.31 -23.62
CA VAL B 137 -40.67 0.48 -23.39
C VAL B 137 -40.75 1.63 -24.39
N VAL B 138 -39.60 2.15 -24.83
CA VAL B 138 -39.57 3.29 -25.73
C VAL B 138 -39.87 2.82 -27.16
N VAL B 139 -39.28 1.69 -27.58
CA VAL B 139 -39.40 1.22 -28.95
C VAL B 139 -40.77 0.58 -29.15
N CYS B 140 -41.03 -0.53 -28.45
CA CYS B 140 -42.24 -1.31 -28.64
C CYS B 140 -43.47 -0.54 -28.15
N LYS B 141 -43.29 0.29 -27.12
CA LYS B 141 -44.31 1.24 -26.69
C LYS B 141 -45.54 0.50 -26.20
N PRO B 142 -45.47 -0.21 -25.06
CA PRO B 142 -46.68 -0.74 -24.39
C PRO B 142 -47.50 0.38 -23.74
N MET B 143 -46.81 1.39 -23.21
CA MET B 143 -47.43 2.51 -22.53
C MET B 143 -47.50 3.70 -23.50
N SER B 144 -48.70 4.26 -23.67
CA SER B 144 -48.92 5.38 -24.58
C SER B 144 -48.30 6.66 -24.00
N GLY B 149 -38.54 9.14 -16.81
CA GLY B 149 -37.36 9.98 -17.10
C GLY B 149 -36.51 10.20 -15.84
N GLU B 150 -37.00 11.04 -14.92
CA GLU B 150 -36.33 11.29 -13.65
C GLU B 150 -37.13 10.70 -12.50
N ASN B 151 -38.13 9.85 -12.81
CA ASN B 151 -38.94 9.22 -11.78
C ASN B 151 -38.69 7.71 -11.79
N HIS B 152 -39.07 7.05 -12.88
CA HIS B 152 -38.96 5.61 -13.01
C HIS B 152 -37.50 5.20 -12.90
N ALA B 153 -36.61 5.96 -13.55
CA ALA B 153 -35.18 5.68 -13.56
C ALA B 153 -34.59 5.71 -12.14
N ILE B 154 -35.08 6.65 -11.32
CA ILE B 154 -34.64 6.78 -9.94
C ILE B 154 -35.10 5.57 -9.13
N MET B 155 -36.28 5.04 -9.44
CA MET B 155 -36.79 3.84 -8.78
C MET B 155 -36.08 2.61 -9.34
N GLY B 156 -35.64 2.70 -10.61
CA GLY B 156 -34.86 1.65 -11.24
C GLY B 156 -33.43 1.56 -10.70
N VAL B 157 -32.93 2.69 -10.17
CA VAL B 157 -31.63 2.72 -9.51
C VAL B 157 -31.77 2.12 -8.11
N ALA B 158 -32.94 2.31 -7.49
CA ALA B 158 -33.24 1.72 -6.21
C ALA B 158 -33.37 0.20 -6.34
N PHE B 159 -33.84 -0.25 -7.52
CA PHE B 159 -33.99 -1.66 -7.82
C PHE B 159 -32.64 -2.37 -7.81
N THR B 160 -31.62 -1.72 -8.41
CA THR B 160 -30.31 -2.33 -8.58
C THR B 160 -29.64 -2.51 -7.21
N TRP B 161 -29.73 -1.48 -6.36
CA TRP B 161 -29.10 -1.52 -5.05
C TRP B 161 -29.84 -2.46 -4.10
N VAL B 162 -31.13 -2.71 -4.36
CA VAL B 162 -31.91 -3.65 -3.56
C VAL B 162 -31.53 -5.08 -3.94
N MET B 163 -31.34 -5.32 -5.24
CA MET B 163 -31.12 -6.66 -5.75
C MET B 163 -29.65 -7.07 -5.58
N ALA B 164 -28.74 -6.10 -5.73
CA ALA B 164 -27.31 -6.37 -5.56
C ALA B 164 -26.99 -6.69 -4.11
N LEU B 165 -27.72 -6.06 -3.17
CA LEU B 165 -27.53 -6.29 -1.75
C LEU B 165 -28.16 -7.62 -1.32
N ALA B 166 -29.04 -8.16 -2.15
CA ALA B 166 -29.59 -9.50 -1.92
C ALA B 166 -28.56 -10.57 -2.32
N CYS B 167 -27.50 -10.14 -3.02
CA CYS B 167 -26.43 -11.03 -3.44
C CYS B 167 -25.24 -10.91 -2.50
N ALA B 168 -24.74 -9.68 -2.32
CA ALA B 168 -23.45 -9.45 -1.71
C ALA B 168 -23.53 -9.46 -0.18
N ALA B 169 -24.70 -9.12 0.38
CA ALA B 169 -24.85 -8.96 1.82
C ALA B 169 -24.90 -10.33 2.52
N PRO B 170 -25.72 -11.30 2.07
CA PRO B 170 -25.90 -12.56 2.80
C PRO B 170 -24.59 -13.27 3.17
N PRO B 171 -23.58 -13.37 2.28
CA PRO B 171 -22.26 -13.85 2.68
C PRO B 171 -21.73 -13.26 3.98
N LEU B 172 -21.92 -11.95 4.15
CA LEU B 172 -21.47 -11.24 5.34
C LEU B 172 -22.32 -11.63 6.55
N VAL B 173 -23.60 -11.95 6.29
CA VAL B 173 -24.53 -12.30 7.35
C VAL B 173 -24.20 -13.70 7.88
N GLY B 174 -24.22 -14.69 6.97
CA GLY B 174 -24.04 -16.07 7.36
C GLY B 174 -24.29 -17.05 6.22
N TRP B 175 -25.33 -16.79 5.42
CA TRP B 175 -25.66 -17.61 4.27
C TRP B 175 -24.62 -17.39 3.17
N SER B 176 -23.78 -18.42 2.94
CA SER B 176 -22.59 -18.32 2.12
C SER B 176 -21.49 -17.54 2.86
N ARG B 177 -20.32 -17.44 2.23
CA ARG B 177 -19.22 -16.66 2.78
C ARG B 177 -18.28 -16.23 1.64
N TYR B 178 -17.46 -15.22 1.94
CA TYR B 178 -16.39 -14.80 1.04
C TYR B 178 -15.12 -15.56 1.42
N ILE B 179 -14.46 -16.12 0.40
CA ILE B 179 -13.31 -17.01 0.60
C ILE B 179 -12.26 -16.68 -0.47
N PRO B 180 -10.95 -16.67 -0.13
CA PRO B 180 -9.91 -16.39 -1.12
C PRO B 180 -9.87 -17.40 -2.25
N GLU B 181 -9.61 -16.90 -3.47
CA GLU B 181 -9.72 -17.67 -4.69
C GLU B 181 -8.41 -17.62 -5.47
N GLY B 182 -8.12 -18.71 -6.19
CA GLY B 182 -6.98 -18.77 -7.10
C GLY B 182 -5.65 -18.63 -6.37
N MET B 183 -5.01 -17.45 -6.53
CA MET B 183 -3.72 -17.18 -5.92
C MET B 183 -3.90 -16.71 -4.47
N GLN B 184 -5.15 -16.61 -4.03
CA GLN B 184 -5.51 -16.18 -2.68
C GLN B 184 -5.23 -14.69 -2.54
N CYS B 185 -5.51 -13.93 -3.60
CA CYS B 185 -5.35 -12.49 -3.61
C CYS B 185 -6.70 -11.80 -3.75
N SER B 186 -7.60 -12.38 -4.55
CA SER B 186 -9.00 -11.95 -4.61
C SER B 186 -9.83 -12.78 -3.65
N CYS B 187 -11.12 -12.45 -3.55
CA CYS B 187 -12.10 -13.26 -2.83
C CYS B 187 -13.35 -13.41 -3.68
N GLY B 188 -14.25 -14.29 -3.23
CA GLY B 188 -15.51 -14.53 -3.94
C GLY B 188 -16.38 -15.53 -3.19
N ILE B 189 -17.53 -15.86 -3.80
CA ILE B 189 -18.50 -16.76 -3.17
C ILE B 189 -17.92 -18.17 -3.17
N ASP B 190 -18.23 -18.91 -2.10
CA ASP B 190 -17.59 -20.18 -1.81
C ASP B 190 -18.12 -21.26 -2.74
N TYR B 191 -17.41 -21.49 -3.86
CA TYR B 191 -17.76 -22.54 -4.79
C TYR B 191 -17.03 -23.82 -4.43
N TYR B 192 -15.85 -23.66 -3.81
CA TYR B 192 -14.90 -24.74 -3.60
C TYR B 192 -15.33 -25.67 -2.47
N THR B 193 -15.78 -25.09 -1.34
CA THR B 193 -16.09 -25.85 -0.14
C THR B 193 -17.59 -25.75 0.13
N PRO B 194 -18.31 -26.86 0.38
CA PRO B 194 -19.74 -26.79 0.72
C PRO B 194 -20.02 -26.04 2.02
N HIS B 195 -19.19 -26.29 3.05
CA HIS B 195 -19.33 -25.61 4.33
C HIS B 195 -20.82 -25.59 4.71
N GLU B 196 -21.45 -26.78 4.75
CA GLU B 196 -22.88 -26.88 4.96
C GLU B 196 -23.33 -25.99 6.12
N GLU B 197 -22.49 -25.85 7.17
CA GLU B 197 -22.78 -24.98 8.31
C GLU B 197 -23.18 -23.59 7.84
N THR B 198 -22.58 -23.13 6.74
CA THR B 198 -22.86 -21.82 6.16
C THR B 198 -23.92 -21.95 5.08
N ASN B 199 -23.98 -23.11 4.41
CA ASN B 199 -24.98 -23.42 3.40
C ASN B 199 -24.70 -22.62 2.13
N ASN B 200 -23.43 -22.62 1.68
CA ASN B 200 -23.06 -21.88 0.50
C ASN B 200 -23.46 -22.65 -0.76
N GLU B 201 -23.68 -23.96 -0.64
CA GLU B 201 -24.11 -24.78 -1.77
C GLU B 201 -25.47 -24.29 -2.28
N SER B 202 -26.38 -24.01 -1.34
CA SER B 202 -27.72 -23.54 -1.66
C SER B 202 -27.67 -22.13 -2.25
N PHE B 203 -26.72 -21.32 -1.77
CA PHE B 203 -26.58 -19.93 -2.21
C PHE B 203 -26.08 -19.85 -3.65
N VAL B 204 -25.23 -20.80 -4.05
CA VAL B 204 -24.62 -20.76 -5.38
C VAL B 204 -25.72 -21.00 -6.43
N ILE B 205 -26.65 -21.91 -6.14
CA ILE B 205 -27.81 -22.13 -6.99
C ILE B 205 -28.62 -20.83 -7.03
N TYR B 206 -28.84 -20.25 -5.85
CA TYR B 206 -29.53 -18.98 -5.72
C TYR B 206 -28.85 -17.93 -6.59
N MET B 207 -27.53 -17.81 -6.46
CA MET B 207 -26.79 -16.73 -7.10
C MET B 207 -26.83 -16.89 -8.62
N PHE B 208 -26.57 -18.11 -9.11
CA PHE B 208 -26.45 -18.32 -10.55
C PHE B 208 -27.80 -18.06 -11.23
N VAL B 209 -28.86 -18.74 -10.76
CA VAL B 209 -30.16 -18.67 -11.39
C VAL B 209 -30.77 -17.29 -11.15
N VAL B 210 -31.03 -17.01 -9.88
CA VAL B 210 -31.83 -15.88 -9.42
C VAL B 210 -31.07 -14.56 -9.64
N HIS B 211 -29.78 -14.54 -9.28
CA HIS B 211 -29.01 -13.30 -9.44
C HIS B 211 -28.51 -13.12 -10.88
N PHE B 212 -28.28 -14.19 -11.63
CA PHE B 212 -27.66 -14.03 -12.94
C PHE B 212 -28.52 -14.53 -14.10
N ILE B 213 -28.97 -15.79 -14.09
CA ILE B 213 -29.71 -16.33 -15.21
C ILE B 213 -31.04 -15.60 -15.39
N ILE B 214 -31.77 -15.32 -14.30
CA ILE B 214 -33.05 -14.62 -14.41
C ILE B 214 -32.87 -13.32 -15.19
N PRO B 215 -31.95 -12.40 -14.78
CA PRO B 215 -31.61 -11.24 -15.60
C PRO B 215 -31.41 -11.51 -17.09
N LEU B 216 -30.60 -12.53 -17.41
CA LEU B 216 -30.26 -12.84 -18.81
C LEU B 216 -31.52 -13.21 -19.59
N ILE B 217 -32.47 -13.86 -18.92
CA ILE B 217 -33.76 -14.18 -19.52
C ILE B 217 -34.50 -12.88 -19.82
N VAL B 218 -34.50 -11.95 -18.85
CA VAL B 218 -35.24 -10.70 -18.96
C VAL B 218 -34.60 -9.81 -20.02
N ILE B 219 -33.27 -9.87 -20.15
CA ILE B 219 -32.54 -9.05 -21.12
C ILE B 219 -32.82 -9.58 -22.53
N PHE B 220 -32.68 -10.90 -22.71
CA PHE B 220 -32.87 -11.52 -24.02
C PHE B 220 -34.35 -11.66 -24.35
N PHE B 221 -35.22 -11.56 -23.34
CA PHE B 221 -36.64 -11.42 -23.55
C PHE B 221 -36.94 -10.08 -24.21
N CYS B 222 -36.37 -9.01 -23.65
CA CYS B 222 -36.58 -7.65 -24.12
C CYS B 222 -35.89 -7.43 -25.47
N TYR B 223 -34.74 -8.09 -25.67
CA TYR B 223 -34.04 -8.04 -26.94
C TYR B 223 -34.84 -8.77 -28.02
N GLY B 224 -35.55 -9.83 -27.62
CA GLY B 224 -36.38 -10.61 -28.52
C GLY B 224 -37.58 -9.84 -29.05
N GLN B 225 -38.01 -8.81 -28.31
CA GLN B 225 -39.10 -7.95 -28.74
C GLN B 225 -38.62 -7.05 -29.87
N LEU B 226 -37.35 -6.64 -29.83
CA LEU B 226 -36.73 -5.84 -30.87
C LEU B 226 -35.98 -6.74 -31.84
N VAL B 227 -36.75 -7.55 -32.59
CA VAL B 227 -36.22 -8.37 -33.67
C VAL B 227 -36.90 -7.94 -34.97
N PHE B 228 -38.22 -7.72 -34.92
CA PHE B 228 -38.99 -7.28 -36.08
C PHE B 228 -38.72 -5.79 -36.33
N ALA B 241 -34.13 13.02 -36.75
CA ALA B 241 -32.81 13.49 -36.28
C ALA B 241 -32.63 13.17 -34.79
N THR B 242 -33.61 13.61 -33.97
CA THR B 242 -33.57 13.39 -32.54
C THR B 242 -34.00 11.96 -32.20
N THR B 243 -35.22 11.60 -32.62
CA THR B 243 -35.83 10.32 -32.26
C THR B 243 -35.19 9.17 -33.03
N GLN B 244 -34.57 9.47 -34.18
CA GLN B 244 -33.99 8.46 -35.05
C GLN B 244 -32.58 8.09 -34.58
N LYS B 245 -31.95 8.98 -33.80
CA LYS B 245 -30.60 8.74 -33.29
C LYS B 245 -30.65 8.39 -31.80
N ALA B 246 -31.45 9.14 -31.02
CA ALA B 246 -31.55 8.94 -29.59
C ALA B 246 -32.14 7.57 -29.27
N GLU B 247 -32.97 7.04 -30.18
CA GLU B 247 -33.53 5.71 -30.05
C GLU B 247 -32.46 4.68 -30.43
N LYS B 248 -31.75 4.94 -31.53
CA LYS B 248 -30.82 3.98 -32.11
C LYS B 248 -29.56 3.88 -31.26
N GLU B 249 -28.82 5.00 -31.13
CA GLU B 249 -27.47 4.99 -30.59
C GLU B 249 -27.49 4.54 -29.13
N VAL B 250 -28.54 4.93 -28.39
CA VAL B 250 -28.64 4.61 -26.98
C VAL B 250 -28.94 3.12 -26.81
N THR B 251 -29.92 2.62 -27.58
CA THR B 251 -30.29 1.21 -27.55
C THR B 251 -29.16 0.36 -28.12
N ARG B 252 -28.40 0.92 -29.06
CA ARG B 252 -27.22 0.27 -29.62
C ARG B 252 -26.16 0.13 -28.53
N MET B 253 -26.00 1.17 -27.70
CA MET B 253 -24.99 1.19 -26.65
C MET B 253 -25.39 0.23 -25.53
N VAL B 254 -26.70 0.09 -25.29
CA VAL B 254 -27.20 -0.84 -24.28
C VAL B 254 -26.77 -2.26 -24.64
N ILE B 255 -26.78 -2.57 -25.95
CA ILE B 255 -26.37 -3.88 -26.44
C ILE B 255 -24.86 -4.04 -26.27
N ILE B 256 -24.09 -3.01 -26.61
CA ILE B 256 -22.64 -3.03 -26.49
C ILE B 256 -22.24 -3.10 -25.03
N MET B 257 -23.07 -2.53 -24.14
CA MET B 257 -22.84 -2.56 -22.71
C MET B 257 -23.01 -3.99 -22.18
N VAL B 258 -23.93 -4.74 -22.77
CA VAL B 258 -24.17 -6.13 -22.40
C VAL B 258 -23.08 -7.01 -23.01
N ILE B 259 -22.77 -6.77 -24.29
CA ILE B 259 -21.74 -7.54 -24.99
C ILE B 259 -20.44 -7.51 -24.18
N ALA B 260 -20.08 -6.32 -23.66
CA ALA B 260 -18.87 -6.16 -22.87
C ALA B 260 -19.01 -6.89 -21.53
N PHE B 261 -20.23 -6.89 -20.97
CA PHE B 261 -20.52 -7.57 -19.72
C PHE B 261 -20.36 -9.08 -19.88
N LEU B 262 -20.79 -9.61 -21.04
CA LEU B 262 -20.75 -11.04 -21.31
C LEU B 262 -19.30 -11.49 -21.52
N ILE B 263 -18.46 -10.62 -22.10
CA ILE B 263 -17.05 -10.90 -22.28
C ILE B 263 -16.36 -10.89 -20.91
N CYS B 264 -16.82 -10.00 -20.03
CA CYS B 264 -16.16 -9.73 -18.76
C CYS B 264 -16.41 -10.85 -17.74
N TRP B 265 -17.69 -11.22 -17.57
CA TRP B 265 -18.13 -11.95 -16.38
C TRP B 265 -18.36 -13.44 -16.68
N LEU B 266 -18.45 -13.83 -17.95
CA LEU B 266 -18.61 -15.24 -18.29
C LEU B 266 -17.38 -16.05 -17.88
N PRO B 267 -16.14 -15.58 -18.18
CA PRO B 267 -14.94 -16.29 -17.74
C PRO B 267 -15.02 -16.72 -16.27
N TYR B 268 -15.32 -15.76 -15.40
CA TYR B 268 -15.41 -16.02 -13.97
C TYR B 268 -16.60 -16.90 -13.65
N ALA B 269 -17.77 -16.56 -14.22
CA ALA B 269 -19.02 -17.23 -13.93
C ALA B 269 -18.96 -18.69 -14.35
N GLY B 270 -18.28 -18.97 -15.47
CA GLY B 270 -18.11 -20.32 -15.97
C GLY B 270 -17.17 -21.14 -15.09
N VAL B 271 -16.03 -20.53 -14.72
CA VAL B 271 -15.04 -21.18 -13.88
C VAL B 271 -15.64 -21.43 -12.50
N ALA B 272 -16.45 -20.49 -12.01
CA ALA B 272 -17.10 -20.61 -10.71
C ALA B 272 -18.03 -21.81 -10.69
N PHE B 273 -18.72 -22.05 -11.81
CA PHE B 273 -19.64 -23.17 -11.94
C PHE B 273 -18.85 -24.48 -12.06
N TYR B 274 -17.77 -24.45 -12.85
CA TYR B 274 -16.90 -25.60 -13.04
C TYR B 274 -16.39 -26.11 -11.69
N ILE B 275 -15.97 -25.17 -10.83
CA ILE B 275 -15.41 -25.50 -9.52
C ILE B 275 -16.54 -25.95 -8.59
N PHE B 276 -17.73 -25.36 -8.77
CA PHE B 276 -18.87 -25.71 -7.94
C PHE B 276 -19.27 -27.17 -8.17
N THR B 277 -19.15 -27.63 -9.42
CA THR B 277 -19.50 -29.00 -9.79
C THR B 277 -18.37 -29.94 -9.37
N HIS B 278 -17.14 -29.59 -9.75
CA HIS B 278 -15.98 -30.44 -9.55
C HIS B 278 -15.22 -30.03 -8.29
N GLN B 279 -15.90 -30.08 -7.15
CA GLN B 279 -15.31 -29.70 -5.87
C GLN B 279 -14.29 -30.76 -5.46
N GLY B 280 -13.03 -30.34 -5.31
CA GLY B 280 -11.95 -31.21 -4.86
C GLY B 280 -11.14 -31.79 -6.01
N SER B 281 -11.46 -31.38 -7.25
CA SER B 281 -10.75 -31.86 -8.43
C SER B 281 -9.35 -31.24 -8.48
N ASP B 282 -8.52 -31.72 -9.41
CA ASP B 282 -7.17 -31.23 -9.57
C ASP B 282 -7.19 -29.98 -10.45
N PHE B 283 -7.17 -28.81 -9.80
CA PHE B 283 -7.00 -27.54 -10.49
C PHE B 283 -6.08 -26.64 -9.66
N GLY B 284 -5.30 -25.82 -10.35
CA GLY B 284 -4.28 -25.00 -9.73
C GLY B 284 -4.78 -23.61 -9.34
N PRO B 285 -3.90 -22.72 -8.84
CA PRO B 285 -4.28 -21.36 -8.47
C PRO B 285 -4.45 -20.40 -9.63
N ILE B 286 -3.83 -20.73 -10.78
CA ILE B 286 -3.82 -19.87 -11.95
C ILE B 286 -5.15 -20.01 -12.71
N PHE B 287 -5.88 -21.10 -12.42
CA PHE B 287 -7.12 -21.42 -13.10
C PHE B 287 -8.15 -20.30 -12.91
N MET B 288 -8.40 -19.94 -11.65
CA MET B 288 -9.48 -19.03 -11.29
C MET B 288 -8.99 -17.58 -11.28
N THR B 289 -7.71 -17.37 -10.94
CA THR B 289 -7.19 -16.04 -10.67
C THR B 289 -7.18 -15.20 -11.94
N ILE B 290 -7.01 -15.85 -13.10
CA ILE B 290 -6.99 -15.16 -14.39
C ILE B 290 -8.37 -14.56 -14.68
N PRO B 291 -9.46 -15.37 -14.77
CA PRO B 291 -10.80 -14.82 -14.99
C PRO B 291 -11.38 -14.00 -13.84
N ALA B 292 -10.84 -14.19 -12.63
CA ALA B 292 -11.26 -13.43 -11.47
C ALA B 292 -10.78 -11.98 -11.57
N PHE B 293 -9.48 -11.82 -11.85
CA PHE B 293 -8.87 -10.50 -11.96
C PHE B 293 -9.29 -9.82 -13.26
N PHE B 294 -9.60 -10.63 -14.29
CA PHE B 294 -10.08 -10.09 -15.56
C PHE B 294 -11.42 -9.41 -15.36
N ALA B 295 -12.25 -9.94 -14.44
CA ALA B 295 -13.59 -9.44 -14.21
C ALA B 295 -13.59 -8.14 -13.42
N LYS B 296 -12.41 -7.74 -12.90
CA LYS B 296 -12.28 -6.52 -12.12
C LYS B 296 -12.15 -5.31 -13.04
N THR B 297 -12.24 -5.53 -14.37
CA THR B 297 -12.33 -4.43 -15.32
C THR B 297 -13.75 -3.87 -15.35
N SER B 298 -14.66 -4.47 -14.59
CA SER B 298 -16.04 -4.01 -14.47
C SER B 298 -16.10 -2.58 -13.93
N ALA B 299 -15.03 -2.13 -13.27
CA ALA B 299 -14.96 -0.79 -12.72
C ALA B 299 -14.80 0.26 -13.82
N VAL B 300 -14.10 -0.09 -14.91
CA VAL B 300 -13.62 0.89 -15.86
C VAL B 300 -14.34 0.79 -17.21
N TYR B 301 -14.70 -0.43 -17.64
CA TYR B 301 -15.11 -0.64 -19.03
C TYR B 301 -16.46 0.02 -19.31
N ASN B 302 -17.35 0.07 -18.30
CA ASN B 302 -18.70 0.56 -18.49
C ASN B 302 -18.69 2.05 -18.85
N PRO B 303 -18.13 2.94 -17.99
CA PRO B 303 -18.08 4.38 -18.32
C PRO B 303 -16.99 4.80 -19.31
N VAL B 304 -16.37 3.83 -19.99
CA VAL B 304 -15.56 4.10 -21.18
C VAL B 304 -16.48 4.15 -22.39
N ILE B 305 -17.49 3.25 -22.40
CA ILE B 305 -18.46 3.17 -23.48
C ILE B 305 -19.33 4.42 -23.47
N TYR B 306 -19.68 4.89 -22.26
CA TYR B 306 -20.54 6.04 -22.07
C TYR B 306 -19.89 7.30 -22.62
N ILE B 307 -18.54 7.32 -22.65
CA ILE B 307 -17.79 8.41 -23.28
C ILE B 307 -17.57 8.07 -24.75
N MET B 308 -17.17 6.82 -25.03
CA MET B 308 -16.74 6.41 -26.36
C MET B 308 -17.89 6.48 -27.35
N MET B 309 -19.03 5.87 -27.00
CA MET B 309 -20.16 5.75 -27.92
C MET B 309 -21.04 6.99 -27.84
N ASN B 310 -21.58 7.26 -26.64
CA ASN B 310 -22.48 8.39 -26.45
C ASN B 310 -21.68 9.69 -26.52
N LYS B 311 -21.77 10.36 -27.69
CA LYS B 311 -21.03 11.57 -27.96
C LYS B 311 -21.69 12.77 -27.26
N GLN B 312 -22.99 12.64 -26.95
CA GLN B 312 -23.75 13.68 -26.30
C GLN B 312 -23.09 14.02 -24.96
N PHE B 313 -22.70 12.97 -24.22
CA PHE B 313 -22.04 13.14 -22.93
C PHE B 313 -20.61 13.67 -23.13
N ARG B 314 -19.93 13.15 -24.16
CA ARG B 314 -18.54 13.49 -24.43
C ARG B 314 -18.38 15.00 -24.63
N ASN B 315 -19.39 15.63 -25.25
CA ASN B 315 -19.39 17.07 -25.46
C ASN B 315 -19.45 17.80 -24.13
N CYS B 316 -20.37 17.35 -23.26
CA CYS B 316 -20.61 18.00 -21.97
C CYS B 316 -19.53 17.65 -20.96
N MET B 317 -18.77 16.57 -21.22
CA MET B 317 -17.62 16.21 -20.39
C MET B 317 -16.51 17.25 -20.59
N VAL B 318 -16.33 17.68 -21.85
CA VAL B 318 -15.29 18.63 -22.20
C VAL B 318 -15.61 19.99 -21.58
N THR B 319 -16.90 20.28 -21.40
CA THR B 319 -17.35 21.52 -20.77
C THR B 319 -16.80 21.60 -19.35
N THR B 320 -16.84 20.47 -18.63
CA THR B 320 -16.39 20.40 -17.25
C THR B 320 -14.86 20.53 -17.20
N LEU B 321 -14.17 19.79 -18.08
CA LEU B 321 -12.72 19.83 -18.15
C LEU B 321 -12.27 21.20 -18.66
N CYS B 322 -12.42 21.43 -19.97
CA CYS B 322 -12.04 22.69 -20.59
C CYS B 322 -13.17 23.70 -20.40
N CYS B 323 -13.08 24.49 -19.32
CA CYS B 323 -14.11 25.46 -18.98
C CYS B 323 -14.11 26.61 -20.00
N GLN C 1 38.90 7.92 12.68
CA GLN C 1 38.68 6.76 13.57
C GLN C 1 38.36 7.27 14.97
N VAL C 2 37.09 7.13 15.38
CA VAL C 2 36.59 7.71 16.61
C VAL C 2 36.92 6.78 17.77
N GLN C 3 37.22 7.39 18.94
CA GLN C 3 37.62 6.64 20.12
C GLN C 3 37.20 7.41 21.36
N LEU C 4 36.47 6.73 22.27
CA LEU C 4 36.04 7.30 23.53
C LEU C 4 36.60 6.49 24.70
N VAL C 5 37.49 7.13 25.48
CA VAL C 5 38.06 6.52 26.66
C VAL C 5 37.03 6.60 27.78
N GLU C 6 37.11 5.64 28.73
CA GLU C 6 36.11 5.50 29.77
C GLU C 6 36.81 5.40 31.13
N SER C 7 37.55 6.46 31.48
CA SER C 7 38.38 6.47 32.68
C SER C 7 37.52 6.69 33.92
N GLY C 8 38.08 6.33 35.08
CA GLY C 8 37.43 6.54 36.38
C GLY C 8 36.39 5.47 36.65
N GLY C 9 36.30 5.05 37.92
CA GLY C 9 35.32 4.07 38.36
C GLY C 9 35.96 2.82 38.94
N GLY C 10 35.20 2.11 39.78
CA GLY C 10 35.68 0.91 40.45
C GLY C 10 34.74 0.49 41.58
N LEU C 11 35.34 -0.01 42.68
CA LEU C 11 34.60 -0.50 43.83
C LEU C 11 34.43 0.64 44.83
N VAL C 12 33.19 0.88 45.26
CA VAL C 12 32.88 1.90 46.26
C VAL C 12 31.76 1.37 47.17
N GLN C 13 31.77 1.81 48.43
CA GLN C 13 30.83 1.33 49.43
C GLN C 13 29.55 2.15 49.37
N PRO C 14 28.40 1.59 49.80
CA PRO C 14 27.12 2.30 49.76
C PRO C 14 27.15 3.68 50.39
N GLY C 15 26.50 4.65 49.73
CA GLY C 15 26.45 6.03 50.18
C GLY C 15 27.78 6.75 49.98
N GLY C 16 28.60 6.24 49.06
CA GLY C 16 29.93 6.77 48.82
C GLY C 16 29.91 7.90 47.77
N SER C 17 30.93 7.91 46.91
CA SER C 17 31.08 8.92 45.88
C SER C 17 32.08 8.45 44.84
N LEU C 18 31.96 8.99 43.61
CA LEU C 18 32.78 8.55 42.49
C LEU C 18 32.63 9.55 41.34
N ARG C 19 33.77 9.89 40.70
CA ARG C 19 33.79 10.85 39.61
C ARG C 19 34.34 10.18 38.36
N LEU C 20 33.47 9.93 37.37
CA LEU C 20 33.82 9.23 36.15
C LEU C 20 34.43 10.19 35.14
N SER C 21 35.00 9.63 34.06
CA SER C 21 35.63 10.41 33.00
C SER C 21 35.37 9.77 31.64
N CYS C 22 35.44 10.59 30.60
CA CYS C 22 35.16 10.17 29.23
C CYS C 22 35.94 11.04 28.25
N ALA C 23 37.14 10.59 27.89
CA ALA C 23 38.03 11.34 27.00
C ALA C 23 37.66 11.06 25.55
N ALA C 24 37.43 12.13 24.79
CA ALA C 24 37.00 12.04 23.40
C ALA C 24 38.20 12.16 22.47
N SER C 25 38.14 11.45 21.33
CA SER C 25 39.25 11.42 20.38
C SER C 25 38.71 11.22 18.96
N GLY C 26 39.20 12.06 18.04
CA GLY C 26 39.02 11.84 16.61
C GLY C 26 37.67 12.34 16.09
N PHE C 27 37.25 13.53 16.56
CA PHE C 27 36.07 14.20 16.03
C PHE C 27 35.97 15.60 16.64
N THR C 28 35.19 16.47 15.99
CA THR C 28 34.92 17.80 16.51
C THR C 28 34.04 17.67 17.76
N PHE C 29 34.67 17.81 18.93
CA PHE C 29 34.05 17.48 20.20
C PHE C 29 32.95 18.48 20.53
N SER C 30 33.32 19.76 20.56
CA SER C 30 32.45 20.82 21.07
C SER C 30 31.30 21.10 20.11
N LYS C 31 31.29 20.42 18.95
CA LYS C 31 30.29 20.66 17.93
C LYS C 31 29.12 19.71 18.11
N TYR C 32 29.22 18.72 19.01
CA TYR C 32 28.01 18.01 19.40
C TYR C 32 28.02 17.69 20.90
N ALA C 33 26.90 17.09 21.34
CA ALA C 33 26.60 16.87 22.74
C ALA C 33 27.14 15.51 23.16
N MET C 34 27.06 15.22 24.47
CA MET C 34 27.49 13.95 25.02
C MET C 34 26.57 13.55 26.17
N ASN C 35 26.43 12.23 26.40
CA ASN C 35 25.57 11.70 27.44
C ASN C 35 26.33 10.68 28.28
N TRP C 36 25.70 10.24 29.37
CA TRP C 36 26.14 9.11 30.16
C TRP C 36 25.02 8.06 30.19
N VAL C 37 25.39 6.79 30.05
CA VAL C 37 24.44 5.68 30.01
C VAL C 37 25.07 4.51 30.77
N ARG C 38 24.23 3.76 31.51
CA ARG C 38 24.73 2.68 32.34
C ARG C 38 24.01 1.38 32.00
N GLN C 39 24.63 0.26 32.37
CA GLN C 39 24.12 -1.08 32.11
C GLN C 39 23.98 -1.83 33.44
N PRO C 40 22.81 -1.78 34.10
CA PRO C 40 22.56 -2.57 35.32
C PRO C 40 22.61 -4.08 35.04
N PRO C 41 22.84 -4.91 36.07
CA PRO C 41 22.93 -6.37 35.89
C PRO C 41 21.56 -6.99 35.66
N GLY C 42 21.31 -7.41 34.42
CA GLY C 42 20.08 -8.08 34.03
C GLY C 42 19.14 -7.17 33.25
N LYS C 43 19.00 -5.92 33.71
CA LYS C 43 18.05 -4.99 33.14
C LYS C 43 18.71 -4.20 32.02
N GLY C 44 17.89 -3.53 31.20
CA GLY C 44 18.35 -2.84 30.01
C GLY C 44 19.06 -1.51 30.35
N LEU C 45 19.63 -0.88 29.31
CA LEU C 45 20.39 0.34 29.48
C LEU C 45 19.51 1.46 30.03
N GLU C 46 20.09 2.27 30.91
CA GLU C 46 19.44 3.46 31.43
C GLU C 46 20.21 4.70 30.98
N TRP C 47 19.50 5.65 30.37
CA TRP C 47 20.05 6.96 30.08
C TRP C 47 20.19 7.74 31.39
N VAL C 48 21.43 8.02 31.78
CA VAL C 48 21.72 8.61 33.08
C VAL C 48 21.57 10.13 32.98
N SER C 49 22.49 10.77 32.25
CA SER C 49 22.57 12.21 32.17
C SER C 49 22.96 12.65 30.76
N GLY C 50 22.68 13.93 30.45
CA GLY C 50 23.04 14.49 29.16
C GLY C 50 23.24 16.00 29.26
N ILE C 51 23.97 16.57 28.29
CA ILE C 51 24.34 17.97 28.32
C ILE C 51 24.51 18.47 26.88
N ARG C 52 24.28 19.79 26.69
CA ARG C 52 24.34 20.42 25.39
C ARG C 52 25.79 20.50 24.91
N PRO C 53 26.05 20.83 23.62
CA PRO C 53 27.42 20.97 23.11
C PRO C 53 28.23 22.05 23.84
N SER C 54 27.62 23.22 24.03
CA SER C 54 28.24 24.31 24.77
C SER C 54 28.45 23.89 26.23
N GLY C 55 27.47 23.19 26.80
CA GLY C 55 27.54 22.68 28.16
C GLY C 55 26.67 23.46 29.13
N ASP C 56 25.85 24.37 28.60
CA ASP C 56 25.08 25.30 29.41
C ASP C 56 24.03 24.55 30.23
N ASN C 57 23.18 23.76 29.56
CA ASN C 57 22.01 23.16 30.18
C ASN C 57 22.21 21.65 30.34
N PRO C 58 22.42 21.14 31.57
CA PRO C 58 22.47 19.69 31.82
C PRO C 58 21.08 19.12 32.14
N THR C 59 20.91 17.82 31.88
CA THR C 59 19.66 17.13 32.16
C THR C 59 19.98 15.78 32.81
N TYR C 60 19.15 15.39 33.79
CA TYR C 60 19.34 14.16 34.54
C TYR C 60 18.06 13.33 34.49
N ALA C 61 18.20 12.02 34.72
CA ALA C 61 17.07 11.13 34.90
C ALA C 61 16.48 11.33 36.30
N ASP C 62 15.23 10.87 36.48
CA ASP C 62 14.55 10.98 37.76
C ASP C 62 15.20 10.04 38.77
N SER C 63 15.81 8.95 38.27
CA SER C 63 16.47 7.97 39.11
C SER C 63 17.64 8.61 39.86
N VAL C 64 18.46 9.40 39.16
CA VAL C 64 19.65 9.99 39.73
C VAL C 64 19.55 11.51 39.66
N GLU C 65 18.37 12.04 40.03
CA GLU C 65 18.11 13.47 40.00
C GLU C 65 18.81 14.13 41.19
N GLY C 66 19.72 15.07 40.89
CA GLY C 66 20.36 15.87 41.92
C GLY C 66 21.61 15.22 42.50
N ARG C 67 21.56 13.89 42.68
CA ARG C 67 22.67 13.14 43.27
C ARG C 67 23.86 13.17 42.33
N PHE C 68 23.63 12.77 41.07
CA PHE C 68 24.66 12.83 40.03
C PHE C 68 24.69 14.24 39.45
N THR C 69 25.84 14.60 38.87
CA THR C 69 25.98 15.87 38.19
C THR C 69 27.01 15.73 37.06
N ILE C 70 26.67 16.26 35.88
CA ILE C 70 27.46 16.09 34.68
C ILE C 70 28.11 17.43 34.32
N ILE C 71 29.33 17.36 33.80
CA ILE C 71 30.05 18.55 33.37
C ILE C 71 31.14 18.13 32.37
N ARG C 72 31.42 19.01 31.40
CA ARG C 72 32.27 18.68 30.27
C ARG C 72 33.36 19.74 30.11
N ASP C 73 34.48 19.33 29.51
CA ASP C 73 35.58 20.21 29.18
C ASP C 73 35.80 20.19 27.67
N ASN C 74 35.40 21.28 26.99
CA ASN C 74 35.44 21.36 25.54
C ASN C 74 36.88 21.54 25.05
N ASP C 75 37.72 22.15 25.90
CA ASP C 75 39.09 22.47 25.53
C ASP C 75 39.93 21.19 25.50
N LYS C 76 39.69 20.28 26.46
CA LYS C 76 40.53 19.11 26.63
C LYS C 76 39.78 17.83 26.22
N LYS C 77 38.58 18.00 25.63
CA LYS C 77 37.79 16.89 25.14
C LYS C 77 37.58 15.86 26.25
N MET C 78 36.75 16.22 27.24
CA MET C 78 36.47 15.35 28.37
C MET C 78 35.03 15.57 28.83
N VAL C 79 34.42 14.51 29.38
CA VAL C 79 33.12 14.59 30.02
C VAL C 79 33.19 13.85 31.35
N TYR C 80 32.77 14.51 32.42
CA TYR C 80 32.85 13.97 33.78
C TYR C 80 31.45 13.63 34.28
N LEU C 81 31.40 12.88 35.39
CA LEU C 81 30.14 12.57 36.05
C LEU C 81 30.39 12.37 37.54
N GLN C 82 30.26 13.45 38.31
CA GLN C 82 30.44 13.41 39.75
C GLN C 82 29.22 12.74 40.38
N MET C 83 29.33 11.44 40.62
CA MET C 83 28.26 10.66 41.22
C MET C 83 28.43 10.65 42.73
N THR C 84 27.45 11.22 43.45
CA THR C 84 27.53 11.37 44.89
C THR C 84 26.37 10.65 45.57
N SER C 85 26.60 10.25 46.83
CA SER C 85 25.58 9.59 47.65
C SER C 85 24.96 8.43 46.87
N LEU C 86 25.78 7.41 46.60
CA LEU C 86 25.40 6.32 45.71
C LEU C 86 24.44 5.38 46.43
N LYS C 87 23.83 4.47 45.66
CA LYS C 87 22.95 3.44 46.18
C LYS C 87 23.34 2.10 45.55
N THR C 88 22.68 1.03 46.00
CA THR C 88 23.01 -0.32 45.57
C THR C 88 22.63 -0.53 44.11
N GLU C 89 21.52 0.08 43.67
CA GLU C 89 20.98 -0.15 42.33
C GLU C 89 21.83 0.58 41.28
N ASP C 90 22.63 1.56 41.71
CA ASP C 90 23.52 2.28 40.80
C ASP C 90 24.64 1.37 40.30
N THR C 91 24.77 0.19 40.91
CA THR C 91 25.69 -0.83 40.41
C THR C 91 25.39 -1.09 38.94
N ALA C 92 26.36 -0.77 38.07
CA ALA C 92 26.18 -0.88 36.63
C ALA C 92 27.53 -0.68 35.91
N VAL C 93 27.50 -0.81 34.58
CA VAL C 93 28.65 -0.53 33.74
C VAL C 93 28.33 0.74 32.94
N TYR C 94 29.11 1.81 33.18
CA TYR C 94 28.78 3.14 32.67
C TYR C 94 29.49 3.39 31.34
N TYR C 95 28.75 3.95 30.38
CA TYR C 95 29.27 4.35 29.08
C TYR C 95 28.90 5.82 28.83
N CYS C 96 29.73 6.50 28.03
CA CYS C 96 29.40 7.84 27.53
C CYS C 96 29.11 7.75 26.03
N THR C 97 27.98 8.34 25.61
CA THR C 97 27.50 8.21 24.26
C THR C 97 27.50 9.58 23.57
N ARG C 98 27.48 9.57 22.23
CA ARG C 98 27.52 10.79 21.44
C ARG C 98 26.10 11.18 21.03
N GLY C 99 25.94 12.46 20.67
CA GLY C 99 24.66 12.98 20.23
C GLY C 99 23.68 13.14 21.39
N TYR C 100 22.52 12.47 21.28
CA TYR C 100 21.49 12.48 22.31
C TYR C 100 20.99 11.06 22.56
N GLY C 101 21.71 10.06 22.02
CA GLY C 101 21.19 8.70 21.89
C GLY C 101 21.88 7.72 22.85
N THR C 102 21.35 6.49 22.88
CA THR C 102 21.76 5.46 23.81
C THR C 102 22.75 4.50 23.17
N MET C 103 23.08 4.71 21.88
CA MET C 103 24.03 3.86 21.17
C MET C 103 25.44 4.19 21.67
N THR C 104 26.17 3.16 22.13
CA THR C 104 27.43 3.37 22.82
C THR C 104 28.60 3.03 21.91
N ILE C 105 29.48 4.02 21.67
CA ILE C 105 30.66 3.81 20.87
C ILE C 105 31.62 2.99 21.74
N GLU C 106 32.52 2.23 21.11
CA GLU C 106 33.54 1.49 21.84
C GLU C 106 32.82 0.48 22.75
N GLY C 107 33.23 0.38 24.02
CA GLY C 107 32.69 -0.62 24.92
C GLY C 107 33.43 -0.65 26.25
N GLN C 108 33.17 -1.71 27.04
CA GLN C 108 33.84 -1.96 28.30
C GLN C 108 33.37 -0.98 29.38
N GLY C 109 33.61 0.31 29.16
CA GLY C 109 33.14 1.35 30.05
C GLY C 109 33.92 1.41 31.37
N THR C 110 33.21 1.17 32.47
CA THR C 110 33.79 1.21 33.80
C THR C 110 32.87 0.48 34.78
N GLN C 111 33.42 -0.52 35.48
CA GLN C 111 32.65 -1.36 36.38
C GLN C 111 32.43 -0.62 37.69
N VAL C 112 31.32 0.13 37.76
CA VAL C 112 30.92 0.81 38.98
C VAL C 112 30.05 -0.14 39.80
N THR C 113 30.64 -0.73 40.84
CA THR C 113 29.95 -1.67 41.71
C THR C 113 29.76 -1.06 43.09
N VAL C 114 28.49 -0.94 43.51
CA VAL C 114 28.15 -0.37 44.80
C VAL C 114 27.54 -1.47 45.68
N GLN D 1 -25.67 -29.08 15.60
CA GLN D 1 -24.57 -29.28 16.58
C GLN D 1 -23.78 -30.53 16.17
N VAL D 2 -22.56 -30.32 15.66
CA VAL D 2 -21.77 -31.37 15.06
C VAL D 2 -21.03 -32.13 16.16
N GLN D 3 -20.88 -33.46 15.94
CA GLN D 3 -20.24 -34.34 16.90
C GLN D 3 -19.54 -35.47 16.16
N LEU D 4 -18.25 -35.68 16.47
CA LEU D 4 -17.46 -36.73 15.86
C LEU D 4 -16.91 -37.65 16.95
N VAL D 5 -17.40 -38.90 16.97
CA VAL D 5 -16.94 -39.90 17.93
C VAL D 5 -15.61 -40.44 17.43
N GLU D 6 -14.78 -40.90 18.37
CA GLU D 6 -13.42 -41.34 18.08
C GLU D 6 -13.18 -42.72 18.69
N SER D 7 -13.96 -43.70 18.22
CA SER D 7 -13.94 -45.05 18.78
C SER D 7 -12.72 -45.83 18.28
N GLY D 8 -12.38 -46.90 19.00
CA GLY D 8 -11.29 -47.78 18.62
C GLY D 8 -9.93 -47.21 19.01
N GLY D 9 -9.03 -48.10 19.45
CA GLY D 9 -7.66 -47.73 19.77
C GLY D 9 -7.31 -48.00 21.24
N GLY D 10 -6.01 -48.11 21.53
CA GLY D 10 -5.53 -48.41 22.87
C GLY D 10 -4.05 -48.80 22.87
N LEU D 11 -3.71 -49.75 23.75
CA LEU D 11 -2.34 -50.21 23.91
C LEU D 11 -2.11 -51.43 23.01
N VAL D 12 -1.06 -51.38 22.19
CA VAL D 12 -0.71 -52.47 21.30
C VAL D 12 0.81 -52.58 21.23
N GLN D 13 1.31 -53.80 21.02
CA GLN D 13 2.73 -54.09 21.02
C GLN D 13 3.31 -53.82 19.63
N PRO D 14 4.63 -53.50 19.52
CA PRO D 14 5.25 -53.21 18.22
C PRO D 14 5.00 -54.27 17.16
N GLY D 15 4.74 -53.81 15.94
CA GLY D 15 4.45 -54.68 14.81
C GLY D 15 3.07 -55.31 14.90
N GLY D 16 2.18 -54.67 15.67
CA GLY D 16 0.84 -55.20 15.91
C GLY D 16 -0.15 -54.73 14.85
N SER D 17 -1.38 -54.44 15.30
CA SER D 17 -2.45 -54.00 14.42
C SER D 17 -3.56 -53.34 15.24
N LEU D 18 -4.34 -52.47 14.58
CA LEU D 18 -5.36 -51.69 15.25
C LEU D 18 -6.27 -51.06 14.19
N ARG D 19 -7.59 -51.11 14.43
CA ARG D 19 -8.58 -50.57 13.51
C ARG D 19 -9.39 -49.48 14.23
N LEU D 20 -9.17 -48.23 13.82
CA LEU D 20 -9.81 -47.08 14.45
C LEU D 20 -11.19 -46.85 13.85
N SER D 21 -11.96 -45.97 14.49
CA SER D 21 -13.30 -45.63 14.06
C SER D 21 -13.58 -44.15 14.30
N CYS D 22 -14.53 -43.60 13.54
CA CYS D 22 -14.87 -42.19 13.59
C CYS D 22 -16.33 -42.02 13.16
N ALA D 23 -17.24 -42.04 14.15
CA ALA D 23 -18.67 -41.93 13.90
C ALA D 23 -19.07 -40.46 13.77
N ALA D 24 -19.74 -40.14 12.66
CA ALA D 24 -20.13 -38.77 12.37
C ALA D 24 -21.58 -38.54 12.79
N SER D 25 -21.87 -37.31 13.24
CA SER D 25 -23.19 -36.96 13.75
C SER D 25 -23.48 -35.48 13.49
N GLY D 26 -24.67 -35.21 12.95
CA GLY D 26 -25.22 -33.86 12.89
C GLY D 26 -24.70 -33.07 11.68
N PHE D 27 -24.60 -33.73 10.52
CA PHE D 27 -24.29 -33.07 9.26
C PHE D 27 -24.45 -34.05 8.11
N THR D 28 -24.57 -33.51 6.89
CA THR D 28 -24.60 -34.30 5.68
C THR D 28 -23.23 -34.93 5.46
N PHE D 29 -23.11 -36.22 5.80
CA PHE D 29 -21.82 -36.89 5.88
C PHE D 29 -21.21 -37.09 4.50
N SER D 30 -21.96 -37.71 3.60
CA SER D 30 -21.45 -38.11 2.30
C SER D 30 -21.22 -36.92 1.38
N LYS D 31 -21.56 -35.71 1.84
CA LYS D 31 -21.39 -34.51 1.04
C LYS D 31 -20.04 -33.84 1.32
N TYR D 32 -19.32 -34.34 2.35
CA TYR D 32 -17.97 -33.94 2.71
C TYR D 32 -17.00 -35.12 2.63
N ALA D 33 -15.71 -34.79 2.50
CA ALA D 33 -14.63 -35.76 2.68
C ALA D 33 -14.24 -35.83 4.15
N MET D 34 -13.38 -36.81 4.49
CA MET D 34 -12.91 -36.97 5.86
C MET D 34 -11.45 -37.43 5.83
N ASN D 35 -10.71 -37.08 6.89
CA ASN D 35 -9.30 -37.41 6.99
C ASN D 35 -9.01 -38.03 8.36
N TRP D 36 -7.78 -38.52 8.51
CA TRP D 36 -7.22 -38.94 9.79
C TRP D 36 -5.96 -38.13 10.07
N VAL D 37 -5.81 -37.69 11.33
CA VAL D 37 -4.68 -36.88 11.74
C VAL D 37 -4.27 -37.32 13.14
N ARG D 38 -2.95 -37.33 13.42
CA ARG D 38 -2.44 -37.82 14.68
C ARG D 38 -1.56 -36.76 15.34
N GLN D 39 -1.39 -36.90 16.66
CA GLN D 39 -0.62 -35.98 17.48
C GLN D 39 0.48 -36.76 18.20
N PRO D 40 1.71 -36.87 17.61
CA PRO D 40 2.84 -37.50 18.30
C PRO D 40 3.26 -36.72 19.55
N PRO D 41 3.94 -37.37 20.53
CA PRO D 41 4.37 -36.69 21.75
C PRO D 41 5.56 -35.76 21.49
N GLY D 42 5.29 -34.45 21.52
CA GLY D 42 6.33 -33.44 21.33
C GLY D 42 6.29 -32.81 19.94
N LYS D 43 6.03 -33.63 18.92
CA LYS D 43 6.06 -33.19 17.54
C LYS D 43 4.67 -32.70 17.14
N GLY D 44 4.60 -31.93 16.04
CA GLY D 44 3.35 -31.34 15.58
C GLY D 44 2.45 -32.36 14.91
N LEU D 45 1.22 -31.94 14.56
CA LEU D 45 0.23 -32.83 13.97
C LEU D 45 0.73 -33.35 12.63
N GLU D 46 0.42 -34.62 12.35
CA GLU D 46 0.70 -35.25 11.07
C GLU D 46 -0.62 -35.62 10.40
N TRP D 47 -0.80 -35.17 9.15
CA TRP D 47 -1.89 -35.63 8.31
C TRP D 47 -1.59 -37.07 7.88
N VAL D 48 -2.43 -38.00 8.36
CA VAL D 48 -2.18 -39.42 8.17
C VAL D 48 -2.73 -39.85 6.81
N SER D 49 -4.07 -39.83 6.69
CA SER D 49 -4.75 -40.34 5.50
C SER D 49 -5.97 -39.48 5.18
N GLY D 50 -6.43 -39.58 3.94
CA GLY D 50 -7.61 -38.85 3.49
C GLY D 50 -8.31 -39.58 2.35
N ILE D 51 -9.60 -39.26 2.14
CA ILE D 51 -10.43 -39.95 1.17
C ILE D 51 -11.52 -38.99 0.67
N ARG D 52 -11.97 -39.22 -0.57
CA ARG D 52 -12.98 -38.39 -1.22
C ARG D 52 -14.34 -38.59 -0.56
N PRO D 53 -15.34 -37.73 -0.84
CA PRO D 53 -16.69 -37.89 -0.27
C PRO D 53 -17.34 -39.21 -0.67
N SER D 54 -17.27 -39.55 -1.95
CA SER D 54 -17.78 -40.82 -2.46
C SER D 54 -17.00 -41.98 -1.84
N GLY D 55 -15.67 -41.80 -1.71
CA GLY D 55 -14.80 -42.78 -1.10
C GLY D 55 -13.95 -43.54 -2.13
N ASP D 56 -13.98 -43.08 -3.39
CA ASP D 56 -13.34 -43.79 -4.49
C ASP D 56 -11.82 -43.81 -4.29
N ASN D 57 -11.21 -42.63 -4.15
CA ASN D 57 -9.76 -42.51 -4.20
C ASN D 57 -9.22 -42.15 -2.82
N PRO D 58 -8.54 -43.09 -2.12
CA PRO D 58 -7.86 -42.78 -0.86
C PRO D 58 -6.42 -42.30 -1.08
N THR D 59 -5.91 -41.51 -0.11
CA THR D 59 -4.56 -40.99 -0.17
C THR D 59 -3.91 -41.16 1.21
N TYR D 60 -2.62 -41.51 1.20
CA TYR D 60 -1.87 -41.75 2.43
C TYR D 60 -0.59 -40.90 2.42
N ALA D 61 -0.05 -40.65 3.62
CA ALA D 61 1.24 -40.00 3.76
C ALA D 61 2.34 -41.03 3.45
N ASP D 62 3.54 -40.54 3.16
CA ASP D 62 4.69 -41.39 2.88
C ASP D 62 5.13 -42.12 4.15
N SER D 63 4.83 -41.51 5.31
CA SER D 63 5.14 -42.08 6.61
C SER D 63 4.45 -43.43 6.79
N VAL D 64 3.15 -43.49 6.48
CA VAL D 64 2.35 -44.67 6.70
C VAL D 64 1.78 -45.15 5.36
N GLU D 65 2.63 -45.20 4.33
CA GLU D 65 2.22 -45.58 3.00
C GLU D 65 2.06 -47.10 2.94
N GLY D 66 0.85 -47.55 2.61
CA GLY D 66 0.60 -48.98 2.38
C GLY D 66 0.26 -49.72 3.67
N ARG D 67 0.93 -49.36 4.78
CA ARG D 67 0.73 -50.02 6.06
C ARG D 67 -0.68 -49.72 6.57
N PHE D 68 -1.03 -48.43 6.64
CA PHE D 68 -2.36 -47.99 7.01
C PHE D 68 -3.26 -48.04 5.79
N THR D 69 -4.58 -48.15 6.03
CA THR D 69 -5.55 -48.11 4.96
C THR D 69 -6.86 -47.53 5.51
N ILE D 70 -7.44 -46.59 4.74
CA ILE D 70 -8.60 -45.83 5.16
C ILE D 70 -9.81 -46.28 4.34
N ILE D 71 -10.99 -46.32 4.98
CA ILE D 71 -12.22 -46.70 4.31
C ILE D 71 -13.39 -46.14 5.13
N ARG D 72 -14.47 -45.76 4.42
CA ARG D 72 -15.58 -45.04 5.03
C ARG D 72 -16.90 -45.72 4.69
N ASP D 73 -17.90 -45.51 5.57
CA ASP D 73 -19.25 -46.01 5.36
C ASP D 73 -20.19 -44.82 5.34
N ASN D 74 -20.70 -44.48 4.14
CA ASN D 74 -21.53 -43.32 3.94
C ASN D 74 -22.93 -43.56 4.49
N ASP D 75 -23.36 -44.83 4.51
CA ASP D 75 -24.71 -45.20 4.93
C ASP D 75 -24.84 -45.06 6.45
N LYS D 76 -23.79 -45.43 7.19
CA LYS D 76 -23.84 -45.49 8.64
C LYS D 76 -23.00 -44.37 9.27
N LYS D 77 -22.48 -43.45 8.43
CA LYS D 77 -21.71 -42.31 8.90
C LYS D 77 -20.55 -42.78 9.77
N MET D 78 -19.55 -43.41 9.14
CA MET D 78 -18.40 -43.93 9.85
C MET D 78 -17.16 -43.82 8.95
N VAL D 79 -15.99 -43.64 9.58
CA VAL D 79 -14.72 -43.67 8.89
C VAL D 79 -13.76 -44.53 9.70
N TYR D 80 -13.13 -45.51 9.04
CA TYR D 80 -12.25 -46.47 9.69
C TYR D 80 -10.80 -46.19 9.29
N LEU D 81 -9.87 -46.82 10.01
CA LEU D 81 -8.46 -46.75 9.68
C LEU D 81 -7.78 -48.03 10.17
N GLN D 82 -7.70 -49.03 9.29
CA GLN D 82 -7.04 -50.30 9.58
C GLN D 82 -5.53 -50.08 9.56
N MET D 83 -4.96 -49.84 10.75
CA MET D 83 -3.54 -49.61 10.91
C MET D 83 -2.86 -50.96 11.18
N THR D 84 -1.96 -51.36 10.26
CA THR D 84 -1.32 -52.67 10.34
C THR D 84 0.19 -52.48 10.40
N SER D 85 0.87 -53.48 11.00
CA SER D 85 2.32 -53.52 11.09
C SER D 85 2.84 -52.18 11.64
N LEU D 86 2.49 -51.90 12.90
CA LEU D 86 2.75 -50.61 13.52
C LEU D 86 4.23 -50.48 13.87
N LYS D 87 4.62 -49.25 14.22
CA LYS D 87 5.98 -48.95 14.66
C LYS D 87 5.90 -48.09 15.92
N THR D 88 7.06 -47.79 16.52
CA THR D 88 7.12 -47.07 17.78
C THR D 88 6.71 -45.62 17.58
N GLU D 89 7.05 -45.03 16.43
CA GLU D 89 6.82 -43.61 16.18
C GLU D 89 5.34 -43.34 15.90
N ASP D 90 4.58 -44.39 15.56
CA ASP D 90 3.15 -44.26 15.33
C ASP D 90 2.42 -43.96 16.63
N THR D 91 3.11 -44.08 17.77
CA THR D 91 2.57 -43.66 19.05
C THR D 91 2.10 -42.21 18.95
N ALA D 92 0.78 -42.00 19.09
CA ALA D 92 0.19 -40.68 18.93
C ALA D 92 -1.26 -40.70 19.39
N VAL D 93 -1.92 -39.53 19.34
CA VAL D 93 -3.34 -39.40 19.62
C VAL D 93 -4.03 -39.06 18.29
N TYR D 94 -4.90 -39.98 17.83
CA TYR D 94 -5.47 -39.90 16.49
C TYR D 94 -6.81 -39.19 16.51
N TYR D 95 -6.99 -38.28 15.54
CA TYR D 95 -8.24 -37.56 15.33
C TYR D 95 -8.69 -37.72 13.88
N CYS D 96 -10.00 -37.63 13.64
CA CYS D 96 -10.55 -37.58 12.30
C CYS D 96 -11.09 -36.18 12.03
N THR D 97 -10.71 -35.60 10.89
CA THR D 97 -11.02 -34.21 10.57
C THR D 97 -11.93 -34.15 9.35
N ARG D 98 -12.60 -33.01 9.18
CA ARG D 98 -13.56 -32.80 8.10
C ARG D 98 -12.87 -32.03 6.96
N GLY D 99 -13.46 -32.13 5.77
CA GLY D 99 -12.95 -31.43 4.60
C GLY D 99 -11.67 -32.08 4.06
N TYR D 100 -10.60 -31.28 4.00
CA TYR D 100 -9.28 -31.75 3.57
C TYR D 100 -8.20 -31.25 4.52
N GLY D 101 -8.61 -30.70 5.67
CA GLY D 101 -7.73 -29.92 6.54
C GLY D 101 -7.32 -30.67 7.80
N THR D 102 -6.33 -30.11 8.51
CA THR D 102 -5.79 -30.69 9.73
C THR D 102 -6.46 -30.08 10.97
N MET D 103 -7.40 -29.14 10.76
CA MET D 103 -8.20 -28.59 11.84
C MET D 103 -9.16 -29.66 12.34
N THR D 104 -9.12 -29.92 13.65
CA THR D 104 -9.87 -31.03 14.22
C THR D 104 -11.07 -30.49 14.98
N ILE D 105 -12.28 -30.99 14.64
CA ILE D 105 -13.44 -30.73 15.45
C ILE D 105 -13.17 -31.43 16.78
N GLU D 106 -13.77 -30.95 17.89
CA GLU D 106 -13.43 -31.52 19.19
C GLU D 106 -13.83 -32.99 19.19
N GLY D 107 -12.91 -33.87 19.60
CA GLY D 107 -13.13 -35.30 19.57
C GLY D 107 -12.55 -35.96 20.83
N GLN D 108 -13.08 -37.14 21.17
CA GLN D 108 -12.55 -37.92 22.28
C GLN D 108 -11.08 -38.22 21.98
N GLY D 109 -10.77 -38.39 20.69
CA GLY D 109 -9.47 -38.86 20.23
C GLY D 109 -9.32 -40.34 20.56
N THR D 110 -8.09 -40.85 20.45
CA THR D 110 -7.81 -42.22 20.87
C THR D 110 -6.31 -42.37 21.10
N GLN D 111 -5.95 -42.80 22.32
CA GLN D 111 -4.56 -42.92 22.72
C GLN D 111 -3.99 -44.21 22.13
N VAL D 112 -3.41 -44.10 20.93
CA VAL D 112 -2.72 -45.20 20.29
C VAL D 112 -1.26 -45.17 20.73
N THR D 113 -0.90 -46.07 21.65
CA THR D 113 0.44 -46.15 22.18
C THR D 113 1.09 -47.46 21.73
N VAL D 114 2.21 -47.34 21.01
CA VAL D 114 2.93 -48.49 20.49
C VAL D 114 4.29 -48.58 21.18
C1 NAG E . 14.66 5.42 24.49
C2 NAG E . 15.72 4.61 23.74
C3 NAG E . 15.58 3.12 24.00
C4 NAG E . 15.34 2.79 25.48
C5 NAG E . 14.24 3.67 26.05
C6 NAG E . 14.02 3.47 27.54
C7 NAG E . 16.70 5.25 21.57
C8 NAG E . 17.61 4.15 21.09
N2 NAG E . 15.66 4.87 22.31
O3 NAG E . 16.76 2.48 23.54
O4 NAG E . 14.91 1.43 25.58
O5 NAG E . 14.59 5.06 25.86
O6 NAG E . 14.71 4.45 28.31
O7 NAG E . 16.91 6.43 21.27
C1 NAG E . 15.95 0.56 26.05
C2 NAG E . 15.30 -0.74 26.52
C3 NAG E . 16.37 -1.68 27.07
C4 NAG E . 17.48 -1.90 26.05
C5 NAG E . 17.99 -0.56 25.50
C6 NAG E . 18.92 -0.74 24.32
C7 NAG E . 12.98 -0.81 27.30
C8 NAG E . 12.14 0.27 26.66
N2 NAG E . 14.26 -0.51 27.51
O3 NAG E . 15.76 -2.92 27.43
O4 NAG E . 18.56 -2.56 26.69
O5 NAG E . 16.89 0.24 25.04
O6 NAG E . 19.34 0.52 23.78
O7 NAG E . 12.51 -1.90 27.60
C1 BMA E . 18.89 -3.87 26.19
C2 BMA E . 20.39 -3.98 26.28
C3 BMA E . 20.93 -5.38 26.05
C4 BMA E . 20.11 -6.43 26.80
C5 BMA E . 18.61 -6.22 26.57
C6 BMA E . 17.75 -7.16 27.40
O2 BMA E . 20.82 -3.53 27.57
O3 BMA E . 22.29 -5.36 26.50
O4 BMA E . 20.43 -7.74 26.33
O5 BMA E . 18.25 -4.88 26.97
O6 BMA E . 16.68 -6.44 28.03
C1 MAN E . 23.13 -6.50 26.28
C2 MAN E . 24.36 -6.24 27.12
C3 MAN E . 25.23 -5.16 26.50
C4 MAN E . 25.52 -5.48 25.04
C5 MAN E . 24.21 -5.66 24.29
C6 MAN E . 24.41 -6.04 22.84
O2 MAN E . 25.08 -7.46 27.32
O3 MAN E . 26.45 -5.03 27.24
O4 MAN E . 26.27 -4.43 24.44
O5 MAN E . 23.45 -6.73 24.90
O6 MAN E . 25.31 -7.14 22.70
C1 NAG E . 25.40 -7.69 28.72
C2 NAG E . 25.43 -9.20 28.95
C3 NAG E . 26.05 -9.55 30.31
C4 NAG E . 27.32 -8.74 30.57
C5 NAG E . 27.01 -7.26 30.43
C6 NAG E . 28.20 -6.35 30.70
C7 NAG E . 23.83 -11.06 28.87
C8 NAG E . 23.17 -11.56 30.12
N2 NAG E . 24.10 -9.76 28.84
O3 NAG E . 26.33 -10.95 30.36
O4 NAG E . 27.79 -9.00 31.89
O5 NAG E . 26.60 -7.02 29.06
O6 NAG E . 29.33 -6.71 29.91
O7 NAG E . 24.10 -11.81 27.93
C1 MAN E . 15.39 -7.10 27.89
C2 MAN E . 14.33 -6.03 27.72
C3 MAN E . 14.03 -5.29 29.00
C4 MAN E . 13.78 -6.26 30.14
C5 MAN E . 14.95 -7.23 30.27
C6 MAN E . 14.76 -8.27 31.35
O2 MAN E . 13.15 -6.61 27.17
O3 MAN E . 12.90 -4.43 28.82
O4 MAN E . 13.64 -5.55 31.37
O5 MAN E . 15.10 -7.94 29.02
O6 MAN E . 15.78 -8.20 32.34
C1 NAG F . 15.60 22.46 24.46
C2 NAG F . 17.06 22.78 24.83
C3 NAG F . 17.13 24.09 25.60
C4 NAG F . 16.36 25.21 24.92
C5 NAG F . 14.94 24.74 24.62
C6 NAG F . 14.11 25.75 23.87
C7 NAG F . 18.93 21.31 25.43
C8 NAG F . 19.23 19.89 25.84
N2 NAG F . 17.67 21.70 25.58
O3 NAG F . 18.50 24.44 25.76
O4 NAG F . 16.28 26.35 25.78
O5 NAG F . 15.00 23.55 23.80
O6 NAG F . 14.71 26.10 22.62
O7 NAG F . 19.81 22.06 24.99
C1 NAG F . 17.40 27.24 25.64
C2 NAG F . 16.87 28.67 25.72
C3 NAG F . 18.05 29.64 25.58
C4 NAG F . 19.09 29.35 26.64
C5 NAG F . 19.52 27.89 26.56
C6 NAG F . 20.46 27.48 27.68
C7 NAG F . 14.64 29.44 25.11
C8 NAG F . 14.50 30.94 25.08
N2 NAG F . 15.83 28.95 24.76
O3 NAG F . 17.57 30.98 25.66
O4 NAG F . 20.24 30.17 26.44
O5 NAG F . 18.36 27.03 26.66
O6 NAG F . 19.82 27.56 28.95
O7 NAG F . 13.71 28.71 25.44
C1 BMA F . 20.26 31.30 27.36
C2 BMA F . 21.62 31.97 27.29
C3 BMA F . 21.67 33.25 28.10
C4 BMA F . 20.48 34.15 27.78
C5 BMA F . 19.18 33.37 27.93
C6 BMA F . 17.95 34.18 27.57
O2 BMA F . 21.97 32.21 25.92
O3 BMA F . 22.88 33.93 27.85
O4 BMA F . 20.46 35.27 28.65
O5 BMA F . 19.21 32.23 27.06
O6 BMA F . 17.65 34.11 26.18
C1 NAG G . -0.27 -28.16 5.87
C2 NAG G . -1.07 -27.39 6.92
C3 NAG G . -0.21 -27.03 8.13
C4 NAG G . 0.64 -28.21 8.61
C5 NAG G . 1.40 -28.84 7.45
C6 NAG G . 2.18 -30.06 7.84
C7 NAG G . -2.66 -25.51 6.83
C8 NAG G . -2.36 -24.13 7.31
N2 NAG G . -1.63 -26.20 6.31
O3 NAG G . -1.05 -26.58 9.18
O4 NAG G . 1.58 -27.74 9.57
O5 NAG G . 0.44 -29.25 6.45
O6 NAG G . 3.18 -29.75 8.81
O7 NAG G . -3.79 -25.99 6.88
C1 NAG G . 1.33 -28.28 10.89
C2 NAG G . 2.54 -27.98 11.78
C3 NAG G . 2.31 -28.53 13.18
C4 NAG G . 0.97 -28.06 13.75
C5 NAG G . -0.16 -28.31 12.74
C6 NAG G . -1.48 -27.70 13.17
C7 NAG G . 4.87 -27.75 11.04
C8 NAG G . 5.43 -27.75 9.65
N2 NAG G . 3.78 -28.50 11.23
O3 NAG G . 3.38 -28.13 14.02
O4 NAG G . 0.68 -28.79 14.94
O5 NAG G . 0.17 -27.72 11.46
O6 NAG G . -1.85 -28.11 14.48
O7 NAG G . 5.39 -27.11 11.96
C1 BMA G . 0.89 -28.05 16.16
C2 BMA G . 0.19 -28.78 17.29
C3 BMA G . 0.45 -28.12 18.63
C4 BMA G . 1.94 -27.92 18.84
C5 BMA G . 2.52 -27.14 17.68
C6 BMA G . 4.01 -26.94 17.78
O2 BMA G . 0.58 -30.14 17.31
O3 BMA G . -0.08 -28.93 19.67
O4 BMA G . 2.17 -27.19 20.05
O5 BMA G . 2.28 -27.87 16.46
O6 BMA G . 4.57 -26.49 16.55
C1 MAN G . -1.02 -28.20 20.49
C2 MAN G . -1.35 -29.07 21.69
C3 MAN G . -2.17 -30.28 21.28
C4 MAN G . -3.38 -29.87 20.45
C5 MAN G . -2.96 -28.97 19.29
C6 MAN G . -4.12 -28.42 18.51
O2 MAN G . -2.04 -28.29 22.67
O3 MAN G . -2.58 -31.01 22.43
O4 MAN G . -4.04 -31.02 19.95
O5 MAN G . -2.21 -27.86 19.79
O6 MAN G . -4.68 -29.40 17.63
C1 MAN G . 5.82 -25.82 16.75
C2 MAN G . 6.41 -25.53 15.39
C3 MAN G . 6.88 -26.81 14.71
C4 MAN G . 7.79 -27.61 15.63
C5 MAN G . 7.12 -27.84 16.98
C6 MAN G . 8.01 -28.53 17.99
O2 MAN G . 7.47 -24.57 15.50
O3 MAN G . 7.56 -26.49 13.49
O4 MAN G . 8.11 -28.86 15.04
O5 MAN G . 6.74 -26.56 17.55
O6 MAN G . 7.68 -29.90 18.12
C1 NAG H . -7.71 -35.03 -7.89
C2 NAG H . -8.50 -36.16 -7.23
C3 NAG H . -8.52 -37.40 -8.13
C4 NAG H . -8.97 -37.05 -9.54
C5 NAG H . -8.12 -35.90 -10.08
C6 NAG H . -8.55 -35.41 -11.44
C7 NAG H . -8.59 -36.18 -4.77
C8 NAG H . -8.62 -37.24 -3.73
N2 NAG H . -7.98 -36.51 -5.92
O3 NAG H . -9.37 -38.38 -7.55
O4 NAG H . -8.82 -38.17 -10.40
O5 NAG H . -8.22 -34.77 -9.19
O6 NAG H . -9.86 -34.85 -11.42
O7 NAG H . -9.08 -35.07 -4.60
C1 NAG H . -10.09 -38.78 -10.73
C2 NAG H . -9.99 -39.42 -12.11
C3 NAG H . -11.32 -40.09 -12.47
C4 NAG H . -11.78 -41.03 -11.37
C5 NAG H . -11.78 -40.32 -10.02
C6 NAG H . -12.08 -41.25 -8.86
C7 NAG H . -8.54 -38.66 -13.93
C8 NAG H . -8.82 -39.30 -15.25
N2 NAG H . -9.60 -38.49 -13.13
O3 NAG H . -11.19 -40.76 -13.70
O4 NAG H . -13.10 -41.48 -11.65
O5 NAG H . -10.47 -39.76 -9.78
O6 NAG H . -11.97 -40.57 -7.60
O7 NAG H . -7.41 -38.32 -13.59
C1 RET I . 16.00 23.12 -1.04
C2 RET I . 15.39 24.40 -1.63
C3 RET I . 15.03 24.27 -3.07
C4 RET I . 14.14 23.07 -3.32
C5 RET I . 14.57 21.82 -2.60
C6 RET I . 15.23 21.88 -1.42
C7 RET I . 15.31 20.72 -0.55
C8 RET I . 14.44 19.67 -0.48
C9 RET I . 14.67 18.34 -0.10
C10 RET I . 13.57 17.47 0.04
C11 RET I . 13.53 16.13 0.37
C12 RET I . 12.46 15.28 0.71
C13 RET I . 11.09 15.56 0.95
C14 RET I . 10.18 14.52 1.21
C15 RET I . 8.73 14.65 1.47
C16 RET I . 17.46 23.01 -1.51
C17 RET I . 16.01 23.31 0.49
C18 RET I . 14.16 20.56 -3.31
C19 RET I . 16.03 17.80 0.17
C20 RET I . 10.65 16.99 0.99
C1 RET J . -21.96 -13.94 -11.13
C2 RET J . -22.25 -13.57 -12.60
C3 RET J . -22.66 -12.16 -12.80
C4 RET J . -21.69 -11.18 -12.19
C5 RET J . -21.21 -11.59 -10.81
C6 RET J . -21.09 -12.88 -10.46
C7 RET J . -20.26 -13.28 -9.36
C8 RET J . -19.15 -12.62 -8.92
C9 RET J . -18.61 -12.52 -7.64
C10 RET J . -17.37 -11.86 -7.49
C11 RET J . -16.61 -11.60 -6.36
C12 RET J . -15.32 -11.11 -6.27
C13 RET J . -14.30 -10.95 -7.26
C14 RET J . -13.13 -10.27 -6.96
C15 RET J . -12.01 -9.99 -7.87
C16 RET J . -23.29 -14.10 -10.38
C17 RET J . -21.24 -15.30 -11.15
C18 RET J . -20.79 -10.42 -9.96
C19 RET J . -19.26 -13.10 -6.43
C20 RET J . -14.51 -11.59 -8.60
#